data_6HGU
#
_entry.id   6HGU
#
_cell.length_a   61.240
_cell.length_b   67.840
_cell.length_c   77.860
_cell.angle_alpha   109.760
_cell.angle_beta   92.360
_cell.angle_gamma   115.300
#
_symmetry.space_group_name_H-M   'P 1'
#
loop_
_entity.id
_entity.type
_entity.pdbx_description
1 polymer 'anti-APP-tag Fab heavy-chain'
2 polymer 'anti-APP-tag Fab light-chain'
3 non-polymer '4-(2-HYDROXYETHYL)-1-PIPERAZINE ETHANESULFONIC ACID'
4 non-polymer GLYCEROL
5 water water
#
loop_
_entity_poly.entity_id
_entity_poly.type
_entity_poly.pdbx_seq_one_letter_code
_entity_poly.pdbx_strand_id
1 'polypeptide(L)'
;(PCA)VTLKESGPGILQPSQTLSLTCSFSGFSLSTSGMGVSWIRQPSGKGLEWLAHIYWDNDRYYNPSLKSRLTISKDTF
SNQVFLKITNVDTADTATYYCARSPMNTWGDYWGQGTSVTVSSAKTTAPSVYPLAPVCGDTTGSSVTLGCLVKGYFPEPV
TLTWNSGSLSSGVHTFPAVLQSDLYTLSSSVTVTSSTWPSQSITCNVAHPASSTKVDKKIEPRGPT
;
A,H
2 'polypeptide(L)'
;DVVMTQTPLSLPVSLGDQASISCRSSQSLVHSNGNTYLHWYLQKPGQSPKLLIYKVSNRFSGVPDRFSGSGSGTDFTLKI
SRVEAEDLGIYFCSQNTHVPLTFGAGTKLELKRADAAPTVSIFPPSSEQLTSGGASVVCFLNNFYPKDINVKWKIDGSER
QNGVLNSWTDQDSKDSTYSMSSTLTLTKDEYERHNSYTCEATHKTSTSPIVKSFNRNEC
;
B,L
#
# COMPACT_ATOMS: atom_id res chain seq x y z
N VAL A 2 -12.54 33.80 2.21
CA VAL A 2 -12.16 32.63 1.42
C VAL A 2 -13.21 31.55 1.68
N THR A 3 -13.78 30.98 0.59
CA THR A 3 -14.74 29.89 0.70
C THR A 3 -14.45 28.88 -0.40
N LEU A 4 -14.60 27.59 -0.12
CA LEU A 4 -14.42 26.53 -1.10
C LEU A 4 -15.54 25.53 -0.96
N LYS A 5 -16.10 25.06 -2.08
CA LYS A 5 -17.18 24.09 -2.06
C LYS A 5 -16.92 22.99 -3.07
N GLU A 6 -16.85 21.77 -2.60
CA GLU A 6 -16.62 20.60 -3.44
C GLU A 6 -17.94 20.03 -3.91
N SER A 7 -17.95 19.54 -5.14
CA SER A 7 -19.13 18.86 -5.66
C SER A 7 -18.67 17.61 -6.42
N GLY A 8 -19.54 16.61 -6.42
CA GLY A 8 -19.22 15.33 -7.01
C GLY A 8 -20.48 14.55 -7.31
N PRO A 9 -20.31 13.27 -7.70
CA PRO A 9 -21.46 12.45 -8.14
C PRO A 9 -22.27 11.81 -7.03
N GLY A 10 -21.72 11.80 -5.80
CA GLY A 10 -22.37 11.13 -4.70
C GLY A 10 -22.01 9.67 -4.67
N ILE A 11 -22.58 8.89 -5.61
CA ILE A 11 -22.35 7.45 -5.74
C ILE A 11 -21.84 7.13 -7.12
N LEU A 12 -20.86 6.21 -7.19
CA LEU A 12 -20.33 5.68 -8.46
C LEU A 12 -20.18 4.20 -8.36
N GLN A 13 -20.18 3.53 -9.52
CA GLN A 13 -19.97 2.11 -9.61
C GLN A 13 -18.47 1.85 -9.79
N PRO A 14 -17.95 0.71 -9.29
CA PRO A 14 -16.55 0.35 -9.57
C PRO A 14 -16.29 0.35 -11.09
N SER A 15 -15.11 0.86 -11.46
CA SER A 15 -14.53 1.04 -12.81
C SER A 15 -14.89 2.38 -13.43
N GLN A 16 -15.85 3.12 -12.85
CA GLN A 16 -16.25 4.40 -13.42
C GLN A 16 -15.22 5.50 -13.10
N THR A 17 -15.36 6.66 -13.75
CA THR A 17 -14.47 7.80 -13.52
C THR A 17 -15.15 8.76 -12.56
N LEU A 18 -14.42 9.17 -11.52
CA LEU A 18 -14.87 10.15 -10.56
C LEU A 18 -14.46 11.53 -11.06
N SER A 19 -15.44 12.46 -11.21
CA SER A 19 -15.16 13.83 -11.61
C SER A 19 -15.58 14.77 -10.49
N LEU A 20 -14.59 15.42 -9.84
CA LEU A 20 -14.83 16.33 -8.75
C LEU A 20 -14.57 17.77 -9.15
N THR A 21 -15.37 18.68 -8.61
CA THR A 21 -15.21 20.12 -8.86
C THR A 21 -15.07 20.85 -7.51
N CYS A 22 -14.15 21.81 -7.43
CA CYS A 22 -13.93 22.69 -6.29
C CYS A 22 -14.29 24.09 -6.80
N SER A 23 -15.37 24.69 -6.30
CA SER A 23 -15.80 26.04 -6.68
C SER A 23 -15.43 26.92 -5.53
N PHE A 24 -14.64 27.95 -5.78
CA PHE A 24 -14.19 28.79 -4.68
C PHE A 24 -14.45 30.28 -4.92
N SER A 25 -14.27 31.06 -3.86
CA SER A 25 -14.38 32.51 -3.89
C SER A 25 -13.47 33.09 -2.84
N GLY A 26 -13.13 34.37 -3.00
CA GLY A 26 -12.28 35.05 -2.04
C GLY A 26 -10.80 34.99 -2.34
N PHE A 27 -10.43 34.26 -3.41
CA PHE A 27 -9.07 34.18 -3.92
C PHE A 27 -9.14 33.87 -5.41
N SER A 28 -8.01 34.04 -6.09
CA SER A 28 -7.92 33.78 -7.52
C SER A 28 -6.73 32.92 -7.83
N LEU A 29 -6.90 31.96 -8.75
CA LEU A 29 -5.79 31.16 -9.22
C LEU A 29 -4.96 31.91 -10.25
N SER A 30 -5.24 33.20 -10.46
CA SER A 30 -4.39 34.02 -11.33
C SER A 30 -3.31 34.65 -10.44
N THR A 31 -3.52 34.63 -9.09
CA THR A 31 -2.59 35.26 -8.15
C THR A 31 -1.26 34.49 -8.04
N SER A 32 -0.12 35.20 -8.19
CA SER A 32 1.19 34.58 -8.10
C SER A 32 1.34 33.92 -6.73
N GLY A 33 1.79 32.66 -6.73
CA GLY A 33 1.96 31.87 -5.51
C GLY A 33 0.76 31.05 -5.13
N MET A 34 -0.43 31.34 -5.72
CA MET A 34 -1.66 30.64 -5.32
C MET A 34 -1.70 29.19 -5.83
N GLY A 35 -2.32 28.33 -5.05
CA GLY A 35 -2.48 26.93 -5.43
C GLY A 35 -3.65 26.30 -4.71
N VAL A 36 -4.06 25.10 -5.17
CA VAL A 36 -5.17 24.37 -4.55
C VAL A 36 -4.79 22.89 -4.55
N SER A 37 -5.03 22.21 -3.42
CA SER A 37 -4.80 20.77 -3.32
C SER A 37 -6.11 20.02 -3.10
N TRP A 38 -6.11 18.73 -3.47
CA TRP A 38 -7.20 17.80 -3.19
C TRP A 38 -6.65 16.82 -2.19
N ILE A 39 -7.46 16.49 -1.18
CA ILE A 39 -7.11 15.53 -0.12
C ILE A 39 -8.35 14.69 0.15
N ARG A 40 -8.20 13.42 0.49
CA ARG A 40 -9.38 12.62 0.83
C ARG A 40 -9.25 11.98 2.21
N GLN A 41 -10.40 11.62 2.80
CA GLN A 41 -10.41 11.05 4.16
C GLN A 41 -11.51 10.02 4.17
N PRO A 42 -11.15 8.75 4.04
CA PRO A 42 -12.16 7.69 4.27
C PRO A 42 -12.61 7.79 5.74
N SER A 43 -13.89 7.47 6.00
CA SER A 43 -14.47 7.58 7.35
C SER A 43 -13.60 6.86 8.41
N GLY A 44 -13.18 7.63 9.41
CA GLY A 44 -12.35 7.15 10.52
C GLY A 44 -10.91 6.74 10.19
N LYS A 45 -10.45 7.02 8.97
CA LYS A 45 -9.09 6.66 8.53
C LYS A 45 -8.22 7.91 8.33
N GLY A 46 -6.98 7.71 7.93
CA GLY A 46 -6.05 8.81 7.73
C GLY A 46 -6.31 9.62 6.49
N LEU A 47 -5.88 10.89 6.52
CA LEU A 47 -5.98 11.75 5.34
C LEU A 47 -4.98 11.26 4.30
N GLU A 48 -5.36 11.42 3.03
CA GLU A 48 -4.48 11.02 1.95
C GLU A 48 -4.47 12.17 0.92
N TRP A 49 -3.30 12.79 0.74
CA TRP A 49 -3.19 13.86 -0.26
C TRP A 49 -3.23 13.24 -1.66
N LEU A 50 -3.87 13.95 -2.60
CA LEU A 50 -4.03 13.42 -3.95
C LEU A 50 -3.26 14.20 -5.00
N ALA A 51 -3.49 15.49 -5.07
CA ALA A 51 -2.90 16.28 -6.14
C ALA A 51 -2.90 17.74 -5.77
N HIS A 52 -2.10 18.53 -6.49
CA HIS A 52 -1.99 19.97 -6.25
C HIS A 52 -1.78 20.68 -7.57
N ILE A 53 -2.33 21.89 -7.69
CA ILE A 53 -2.11 22.72 -8.86
C ILE A 53 -1.77 24.12 -8.40
N TYR A 54 -0.77 24.72 -9.05
CA TYR A 54 -0.40 26.10 -8.82
C TYR A 54 -0.91 27.04 -9.93
N TRP A 55 -0.88 28.36 -9.65
CA TRP A 55 -1.32 29.40 -10.59
C TRP A 55 -0.61 29.31 -11.95
N ASP A 56 0.63 28.77 -11.98
CA ASP A 56 1.41 28.67 -13.20
C ASP A 56 1.24 27.32 -13.92
N ASN A 57 0.27 26.51 -13.45
CA ASN A 57 -0.08 25.19 -13.94
C ASN A 57 0.97 24.14 -13.63
N ASP A 58 1.85 24.40 -12.61
CA ASP A 58 2.70 23.31 -12.14
C ASP A 58 1.75 22.38 -11.37
N ARG A 59 1.82 21.08 -11.67
CA ARG A 59 0.93 20.09 -11.06
C ARG A 59 1.72 19.00 -10.39
N TYR A 60 1.26 18.55 -9.20
CA TYR A 60 1.91 17.51 -8.43
C TYR A 60 0.88 16.46 -8.09
N TYR A 61 1.32 15.22 -8.08
CA TYR A 61 0.44 14.09 -7.80
C TYR A 61 1.00 13.15 -6.78
N ASN A 62 0.09 12.43 -6.08
CA ASN A 62 0.49 11.34 -5.19
C ASN A 62 1.06 10.24 -6.10
N PRO A 63 2.37 9.90 -5.97
CA PRO A 63 2.99 8.92 -6.90
C PRO A 63 2.25 7.62 -7.02
N SER A 64 1.67 7.11 -5.93
CA SER A 64 0.98 5.82 -5.96
C SER A 64 -0.35 5.83 -6.73
N LEU A 65 -0.96 7.02 -6.93
CA LEU A 65 -2.22 7.15 -7.64
C LEU A 65 -2.05 7.94 -8.95
N LYS A 66 -0.83 8.48 -9.26
CA LYS A 66 -0.59 9.39 -10.38
C LYS A 66 -1.24 8.94 -11.69
N SER A 67 -1.09 7.66 -12.09
CA SER A 67 -1.66 7.21 -13.36
C SER A 67 -3.18 7.34 -13.46
N ARG A 68 -3.88 7.42 -12.30
CA ARG A 68 -5.33 7.52 -12.24
C ARG A 68 -5.85 8.93 -12.06
N LEU A 69 -4.95 9.91 -11.82
CA LEU A 69 -5.35 11.26 -11.45
C LEU A 69 -5.07 12.29 -12.52
N THR A 70 -5.96 13.29 -12.61
CA THR A 70 -5.71 14.47 -13.42
C THR A 70 -6.31 15.68 -12.73
N ILE A 71 -5.47 16.67 -12.41
CA ILE A 71 -5.93 17.90 -11.78
C ILE A 71 -5.85 19.02 -12.81
N SER A 72 -6.84 19.92 -12.79
CA SER A 72 -6.88 21.00 -13.80
C SER A 72 -7.68 22.12 -13.21
N LYS A 73 -7.70 23.27 -13.89
CA LYS A 73 -8.43 24.42 -13.36
C LYS A 73 -9.07 25.22 -14.46
N ASP A 74 -10.07 26.01 -14.08
CA ASP A 74 -10.73 26.97 -14.97
C ASP A 74 -10.55 28.26 -14.19
N THR A 75 -9.47 29.01 -14.48
CA THR A 75 -9.10 30.15 -13.64
C THR A 75 -10.17 31.24 -13.60
N PHE A 76 -10.72 31.59 -14.76
CA PHE A 76 -11.73 32.64 -14.79
C PHE A 76 -13.03 32.25 -14.07
N SER A 77 -13.36 30.93 -14.03
CA SER A 77 -14.59 30.43 -13.38
C SER A 77 -14.37 30.13 -11.92
N ASN A 78 -13.13 30.29 -11.43
CA ASN A 78 -12.79 30.01 -10.03
C ASN A 78 -13.13 28.58 -9.68
N GLN A 79 -12.63 27.63 -10.50
CA GLN A 79 -12.86 26.21 -10.28
C GLN A 79 -11.62 25.40 -10.48
N VAL A 80 -11.46 24.34 -9.68
CA VAL A 80 -10.40 23.34 -9.81
C VAL A 80 -11.11 22.00 -9.95
N PHE A 81 -10.51 21.10 -10.72
CA PHE A 81 -11.14 19.81 -11.00
C PHE A 81 -10.19 18.68 -10.67
N LEU A 82 -10.74 17.54 -10.31
CA LEU A 82 -9.96 16.33 -10.14
C LEU A 82 -10.71 15.21 -10.80
N LYS A 83 -10.02 14.42 -11.59
CA LYS A 83 -10.57 13.27 -12.30
C LYS A 83 -9.81 12.06 -11.75
N ILE A 84 -10.54 11.03 -11.27
CA ILE A 84 -9.94 9.78 -10.80
C ILE A 84 -10.54 8.66 -11.64
N THR A 85 -9.72 8.01 -12.45
CA THR A 85 -10.22 6.91 -13.30
C THR A 85 -10.27 5.57 -12.59
N ASN A 86 -11.08 4.65 -13.13
CA ASN A 86 -11.20 3.26 -12.70
C ASN A 86 -11.37 3.15 -11.18
N VAL A 87 -12.42 3.81 -10.64
CA VAL A 87 -12.61 3.78 -9.18
C VAL A 87 -12.95 2.38 -8.64
N ASP A 88 -12.65 2.18 -7.36
CA ASP A 88 -13.00 0.93 -6.67
C ASP A 88 -13.43 1.29 -5.24
N THR A 89 -13.90 0.31 -4.47
CA THR A 89 -14.42 0.55 -3.11
C THR A 89 -13.49 1.42 -2.26
N ALA A 90 -12.15 1.23 -2.39
CA ALA A 90 -11.18 2.01 -1.59
C ALA A 90 -11.20 3.52 -1.88
N ASP A 91 -11.85 3.94 -2.97
CA ASP A 91 -11.95 5.36 -3.30
C ASP A 91 -13.15 6.01 -2.59
N THR A 92 -13.89 5.23 -1.79
CA THR A 92 -14.98 5.75 -0.98
C THR A 92 -14.34 6.63 0.08
N ALA A 93 -14.74 7.90 0.12
CA ALA A 93 -14.14 8.85 1.08
C ALA A 93 -14.84 10.17 1.02
N THR A 94 -14.51 11.06 1.98
CA THR A 94 -14.90 12.46 1.83
C THR A 94 -13.72 13.10 1.08
N TYR A 95 -14.01 13.88 0.02
CA TYR A 95 -12.98 14.56 -0.79
C TYR A 95 -13.00 16.03 -0.48
N TYR A 96 -11.83 16.60 -0.13
CA TYR A 96 -11.73 18.02 0.20
C TYR A 96 -10.84 18.74 -0.79
N CYS A 97 -11.15 20.00 -1.06
CA CYS A 97 -10.20 20.85 -1.75
C CYS A 97 -9.74 21.90 -0.72
N ALA A 98 -8.50 22.32 -0.82
CA ALA A 98 -7.97 23.28 0.14
C ALA A 98 -7.10 24.31 -0.53
N ARG A 99 -7.36 25.58 -0.23
CA ARG A 99 -6.53 26.66 -0.72
C ARG A 99 -5.12 26.38 -0.21
N SER A 100 -4.12 26.45 -1.10
CA SER A 100 -2.77 26.05 -0.78
C SER A 100 -1.75 26.91 -1.48
N PRO A 101 -1.62 28.19 -1.05
CA PRO A 101 -0.57 29.04 -1.65
C PRO A 101 0.82 28.53 -1.21
N MET A 102 1.87 29.02 -1.88
CA MET A 102 3.24 28.58 -1.64
C MET A 102 3.74 28.63 -0.18
N ASN A 103 3.33 29.63 0.59
CA ASN A 103 3.85 29.70 1.96
C ASN A 103 3.00 28.99 3.00
N THR A 104 1.74 28.73 2.68
CA THR A 104 0.82 28.16 3.66
C THR A 104 -0.05 27.13 3.00
N TRP A 105 0.52 25.95 2.75
CA TRP A 105 -0.26 24.85 2.19
C TRP A 105 -1.49 24.54 3.06
N GLY A 106 -2.61 24.23 2.39
CA GLY A 106 -3.83 23.81 3.04
C GLY A 106 -4.31 24.77 4.11
N ASP A 107 -4.34 26.05 3.79
CA ASP A 107 -4.72 27.04 4.78
C ASP A 107 -6.22 27.29 4.91
N TYR A 108 -7.03 26.88 3.90
CA TYR A 108 -8.49 26.96 4.06
C TYR A 108 -9.06 25.75 3.35
N TRP A 109 -9.85 24.96 4.05
CA TRP A 109 -10.43 23.75 3.47
C TRP A 109 -11.91 23.90 3.22
N GLY A 110 -12.41 23.25 2.17
CA GLY A 110 -13.85 23.20 1.93
C GLY A 110 -14.51 22.27 2.94
N GLN A 111 -15.86 22.14 2.91
CA GLN A 111 -16.49 21.24 3.88
C GLN A 111 -16.50 19.79 3.39
N GLY A 112 -16.05 19.57 2.17
CA GLY A 112 -15.92 18.24 1.62
C GLY A 112 -17.14 17.74 0.89
N THR A 113 -16.94 16.73 0.03
CA THR A 113 -18.04 16.06 -0.65
C THR A 113 -17.87 14.57 -0.42
N SER A 114 -18.96 13.88 -0.06
CA SER A 114 -18.93 12.44 0.17
C SER A 114 -19.04 11.70 -1.15
N VAL A 115 -18.12 10.75 -1.39
CA VAL A 115 -18.16 9.87 -2.56
C VAL A 115 -18.21 8.43 -2.07
N THR A 116 -19.19 7.65 -2.57
CA THR A 116 -19.32 6.24 -2.25
C THR A 116 -19.15 5.45 -3.53
N VAL A 117 -18.18 4.51 -3.53
CA VAL A 117 -17.98 3.63 -4.71
C VAL A 117 -18.52 2.27 -4.31
N SER A 118 -19.60 1.83 -4.98
CA SER A 118 -20.25 0.57 -4.64
C SER A 118 -21.08 0.06 -5.80
N SER A 119 -21.18 -1.27 -5.92
CA SER A 119 -22.01 -1.96 -6.90
C SER A 119 -23.38 -2.27 -6.27
N ALA A 120 -23.59 -1.94 -4.96
CA ALA A 120 -24.87 -2.22 -4.30
C ALA A 120 -26.05 -1.52 -4.92
N LYS A 121 -27.22 -2.17 -4.83
CA LYS A 121 -28.43 -1.56 -5.36
C LYS A 121 -29.14 -0.87 -4.21
N THR A 122 -29.94 0.16 -4.53
CA THR A 122 -30.74 0.89 -3.54
C THR A 122 -31.59 -0.15 -2.80
N THR A 123 -31.39 -0.20 -1.48
CA THR A 123 -32.04 -1.18 -0.61
C THR A 123 -32.57 -0.43 0.60
N ALA A 124 -33.89 -0.52 0.83
CA ALA A 124 -34.53 0.08 2.00
C ALA A 124 -34.13 -0.76 3.22
N PRO A 125 -34.00 -0.13 4.41
CA PRO A 125 -33.61 -0.91 5.60
C PRO A 125 -34.75 -1.76 6.12
N SER A 126 -34.38 -2.82 6.85
CA SER A 126 -35.31 -3.60 7.62
C SER A 126 -35.21 -2.94 8.99
N VAL A 127 -36.36 -2.57 9.58
CA VAL A 127 -36.37 -1.87 10.85
C VAL A 127 -36.98 -2.78 11.87
N TYR A 128 -36.17 -3.14 12.89
CA TYR A 128 -36.63 -4.08 13.91
C TYR A 128 -36.72 -3.43 15.28
N PRO A 129 -37.85 -3.62 15.97
CA PRO A 129 -37.97 -3.10 17.32
C PRO A 129 -37.18 -3.97 18.30
N LEU A 130 -36.54 -3.33 19.28
CA LEU A 130 -35.78 -4.02 20.30
C LEU A 130 -36.44 -3.77 21.64
N ALA A 131 -37.23 -4.73 22.10
CA ALA A 131 -37.90 -4.62 23.38
C ALA A 131 -37.05 -5.37 24.41
N PRO A 132 -37.14 -5.00 25.70
CA PRO A 132 -36.31 -5.70 26.71
C PRO A 132 -36.56 -7.19 26.80
N VAL A 133 -35.57 -7.88 27.37
CA VAL A 133 -35.61 -9.31 27.63
C VAL A 133 -36.85 -9.68 28.45
N SER A 140 -36.62 0.65 37.50
CA SER A 140 -36.30 2.08 37.55
C SER A 140 -36.39 2.69 36.14
N SER A 141 -35.43 2.34 35.27
CA SER A 141 -35.39 2.82 33.90
C SER A 141 -35.44 1.63 32.97
N VAL A 142 -35.91 1.87 31.75
CA VAL A 142 -35.99 0.83 30.73
C VAL A 142 -35.27 1.31 29.47
N THR A 143 -34.49 0.42 28.82
CA THR A 143 -33.80 0.78 27.59
C THR A 143 -34.43 0.00 26.44
N LEU A 144 -34.89 0.74 25.41
CA LEU A 144 -35.52 0.17 24.19
C LEU A 144 -34.57 0.46 23.04
N GLY A 145 -34.77 -0.20 21.93
CA GLY A 145 -33.89 0.02 20.80
C GLY A 145 -34.59 -0.15 19.49
N CYS A 146 -33.88 0.22 18.42
CA CYS A 146 -34.35 0.13 17.06
C CYS A 146 -33.11 -0.29 16.26
N LEU A 147 -33.21 -1.40 15.52
CA LEU A 147 -32.11 -1.92 14.70
C LEU A 147 -32.48 -1.65 13.23
N VAL A 148 -31.65 -0.86 12.53
CA VAL A 148 -31.92 -0.49 11.14
C VAL A 148 -30.89 -1.24 10.32
N LYS A 149 -31.33 -2.32 9.68
CA LYS A 149 -30.41 -3.24 9.06
C LYS A 149 -30.51 -3.37 7.57
N GLY A 150 -29.35 -3.47 6.95
CA GLY A 150 -29.20 -3.81 5.54
C GLY A 150 -29.73 -2.81 4.54
N TYR A 151 -29.29 -1.55 4.68
CA TYR A 151 -29.71 -0.54 3.69
C TYR A 151 -28.56 -0.03 2.85
N PHE A 152 -28.92 0.57 1.73
CA PHE A 152 -27.97 1.23 0.86
C PHE A 152 -28.72 2.25 0.02
N PRO A 153 -28.18 3.47 -0.16
CA PRO A 153 -26.93 3.99 0.42
C PRO A 153 -27.23 4.73 1.73
N GLU A 154 -26.22 5.40 2.28
CA GLU A 154 -26.46 6.27 3.41
C GLU A 154 -27.09 7.56 2.86
N PRO A 155 -27.84 8.32 3.65
CA PRO A 155 -28.14 8.14 5.07
C PRO A 155 -29.58 7.68 5.32
N VAL A 156 -29.88 7.47 6.59
CA VAL A 156 -31.23 7.27 7.10
C VAL A 156 -31.39 8.36 8.16
N THR A 157 -32.63 8.71 8.48
CA THR A 157 -32.92 9.62 9.58
C THR A 157 -33.73 8.80 10.55
N LEU A 158 -33.33 8.82 11.82
CA LEU A 158 -34.04 8.08 12.85
C LEU A 158 -34.46 9.01 13.97
N THR A 159 -35.75 8.94 14.34
CA THR A 159 -36.28 9.71 15.46
C THR A 159 -37.10 8.76 16.31
N TRP A 160 -37.48 9.24 17.49
CA TRP A 160 -38.34 8.52 18.41
C TRP A 160 -39.54 9.40 18.65
N ASN A 161 -40.74 8.80 18.54
CA ASN A 161 -42.00 9.55 18.77
C ASN A 161 -42.06 10.86 17.97
N SER A 162 -41.68 10.76 16.68
CA SER A 162 -41.68 11.85 15.68
C SER A 162 -40.78 13.03 16.09
N GLY A 163 -39.78 12.76 16.91
CA GLY A 163 -38.84 13.77 17.37
C GLY A 163 -39.15 14.32 18.75
N SER A 164 -40.34 13.98 19.31
CA SER A 164 -40.74 14.45 20.64
C SER A 164 -39.96 13.75 21.76
N LEU A 165 -39.40 12.59 21.48
CA LEU A 165 -38.57 11.88 22.44
C LEU A 165 -37.11 12.01 21.96
N SER A 166 -36.34 12.91 22.60
CA SER A 166 -34.94 13.17 22.22
C SER A 166 -33.94 12.95 23.34
N SER A 167 -34.38 13.14 24.59
CA SER A 167 -33.53 12.95 25.77
C SER A 167 -33.33 11.45 25.97
N GLY A 168 -32.14 11.07 26.43
CA GLY A 168 -31.80 9.67 26.69
C GLY A 168 -31.68 8.78 25.47
N VAL A 169 -31.47 9.39 24.29
CA VAL A 169 -31.32 8.71 23.00
C VAL A 169 -29.83 8.60 22.62
N HIS A 170 -29.42 7.42 22.11
CA HIS A 170 -28.09 7.19 21.52
C HIS A 170 -28.26 6.55 20.17
N THR A 171 -28.04 7.31 19.10
CA THR A 171 -28.13 6.82 17.74
C THR A 171 -26.68 6.63 17.29
N PHE A 172 -26.35 5.40 16.97
CA PHE A 172 -24.99 4.99 16.65
C PHE A 172 -24.62 5.15 15.21
N PRO A 173 -23.32 5.41 14.91
CA PRO A 173 -22.94 5.51 13.48
C PRO A 173 -23.14 4.19 12.72
N ALA A 174 -23.48 4.26 11.41
CA ALA A 174 -23.67 3.05 10.61
C ALA A 174 -22.36 2.32 10.39
N VAL A 175 -22.43 1.01 10.21
CA VAL A 175 -21.31 0.12 9.90
C VAL A 175 -21.68 -0.65 8.62
N LEU A 176 -20.68 -0.95 7.77
CA LEU A 176 -20.89 -1.74 6.55
C LEU A 176 -20.74 -3.25 6.81
N GLN A 177 -21.61 -4.06 6.21
CA GLN A 177 -21.55 -5.51 6.25
C GLN A 177 -22.05 -6.00 4.91
N SER A 178 -21.18 -6.68 4.15
CA SER A 178 -21.45 -7.23 2.82
C SER A 178 -22.20 -6.24 1.92
N ASP A 179 -21.60 -5.04 1.76
CA ASP A 179 -22.04 -3.91 0.92
C ASP A 179 -23.28 -3.15 1.43
N LEU A 180 -23.83 -3.55 2.61
CA LEU A 180 -25.00 -2.86 3.14
C LEU A 180 -24.69 -2.24 4.50
N TYR A 181 -25.39 -1.17 4.85
CA TYR A 181 -25.20 -0.48 6.12
C TYR A 181 -26.17 -0.96 7.18
N THR A 182 -25.76 -0.86 8.44
CA THR A 182 -26.59 -1.21 9.60
C THR A 182 -26.30 -0.19 10.68
N LEU A 183 -27.34 0.32 11.30
CA LEU A 183 -27.18 1.19 12.46
C LEU A 183 -28.20 0.81 13.54
N SER A 184 -28.01 1.36 14.72
CA SER A 184 -28.95 1.08 15.80
C SER A 184 -29.12 2.36 16.60
N SER A 185 -30.18 2.41 17.42
CA SER A 185 -30.47 3.51 18.32
C SER A 185 -31.08 2.94 19.56
N SER A 186 -30.65 3.47 20.70
CA SER A 186 -31.22 3.12 21.99
C SER A 186 -31.94 4.34 22.56
N VAL A 187 -32.98 4.11 23.36
CA VAL A 187 -33.69 5.16 24.10
C VAL A 187 -33.96 4.65 25.49
N THR A 188 -33.66 5.46 26.49
CA THR A 188 -33.86 5.11 27.90
C THR A 188 -34.93 6.03 28.49
N VAL A 189 -35.98 5.44 29.06
CA VAL A 189 -37.09 6.19 29.66
C VAL A 189 -37.38 5.56 31.02
N THR A 190 -38.12 6.26 31.88
CA THR A 190 -38.47 5.65 33.18
C THR A 190 -39.50 4.55 32.94
N SER A 191 -39.51 3.50 33.79
CA SER A 191 -40.48 2.39 33.75
C SER A 191 -41.96 2.87 33.77
N SER A 192 -42.25 3.99 34.43
CA SER A 192 -43.61 4.56 34.48
C SER A 192 -44.05 5.18 33.14
N THR A 193 -43.09 5.35 32.19
CA THR A 193 -43.31 5.90 30.85
C THR A 193 -43.71 4.78 29.87
N TRP A 194 -42.96 3.67 29.84
CA TRP A 194 -43.18 2.56 28.91
C TRP A 194 -43.34 1.23 29.66
N PRO A 195 -44.26 0.32 29.25
CA PRO A 195 -45.15 0.37 28.07
C PRO A 195 -46.46 1.15 28.23
N SER A 196 -46.71 1.86 29.35
CA SER A 196 -47.97 2.58 29.50
C SER A 196 -48.19 3.67 28.44
N GLN A 197 -47.11 4.22 27.88
CA GLN A 197 -47.13 5.22 26.80
C GLN A 197 -46.41 4.63 25.57
N SER A 198 -46.93 4.96 24.38
CA SER A 198 -46.42 4.47 23.10
C SER A 198 -45.05 5.04 22.75
N ILE A 199 -44.10 4.16 22.36
CA ILE A 199 -42.76 4.56 21.91
C ILE A 199 -42.53 3.89 20.56
N THR A 200 -42.29 4.72 19.54
CA THR A 200 -42.12 4.26 18.17
C THR A 200 -40.84 4.84 17.60
N CYS A 201 -40.04 4.01 16.90
CA CYS A 201 -38.90 4.58 16.22
C CYS A 201 -39.34 4.86 14.78
N ASN A 202 -39.00 6.04 14.28
CA ASN A 202 -39.37 6.46 12.93
C ASN A 202 -38.13 6.47 12.08
N VAL A 203 -38.14 5.71 10.97
CA VAL A 203 -36.95 5.61 10.12
C VAL A 203 -37.26 5.98 8.69
N ALA A 204 -36.57 7.00 8.19
CA ALA A 204 -36.74 7.41 6.81
C ALA A 204 -35.45 7.14 6.04
N HIS A 205 -35.58 6.62 4.81
CA HIS A 205 -34.47 6.34 3.91
C HIS A 205 -34.84 7.05 2.60
N PRO A 206 -34.47 8.35 2.45
CA PRO A 206 -34.88 9.10 1.26
C PRO A 206 -34.48 8.48 -0.08
N ALA A 207 -33.36 7.75 -0.15
CA ALA A 207 -32.92 7.12 -1.40
C ALA A 207 -33.88 6.06 -1.95
N SER A 208 -34.59 5.35 -1.06
CA SER A 208 -35.57 4.33 -1.46
C SER A 208 -37.00 4.88 -1.29
N SER A 209 -37.12 6.20 -0.97
CA SER A 209 -38.38 6.92 -0.73
C SER A 209 -39.25 6.20 0.32
N THR A 210 -38.61 5.65 1.37
CA THR A 210 -39.33 4.91 2.41
C THR A 210 -39.30 5.62 3.74
N LYS A 211 -40.38 5.42 4.52
CA LYS A 211 -40.57 5.93 5.86
C LYS A 211 -41.32 4.82 6.59
N VAL A 212 -40.70 4.29 7.64
CA VAL A 212 -41.22 3.17 8.42
C VAL A 212 -41.31 3.58 9.87
N ASP A 213 -42.43 3.24 10.50
CA ASP A 213 -42.64 3.45 11.92
C ASP A 213 -42.70 2.05 12.53
N LYS A 214 -41.96 1.83 13.62
CA LYS A 214 -41.95 0.55 14.31
C LYS A 214 -42.20 0.81 15.76
N LYS A 215 -43.37 0.42 16.22
CA LYS A 215 -43.72 0.62 17.63
C LYS A 215 -43.00 -0.44 18.45
N ILE A 216 -42.48 -0.05 19.62
CA ILE A 216 -41.82 -1.01 20.50
C ILE A 216 -42.87 -1.66 21.38
N GLU A 217 -43.10 -2.97 21.19
CA GLU A 217 -44.10 -3.72 21.98
C GLU A 217 -43.43 -4.63 23.01
N PRO A 218 -43.96 -4.75 24.25
CA PRO A 218 -43.37 -5.71 25.20
C PRO A 218 -43.38 -7.13 24.62
N ARG A 219 -42.35 -7.92 24.91
CA ARG A 219 -42.26 -9.29 24.42
C ARG A 219 -43.24 -10.22 25.12
N ASP B 1 7.46 6.88 1.14
CA ASP B 1 6.83 8.11 1.63
C ASP B 1 7.38 8.50 2.99
N VAL B 2 7.22 9.78 3.36
CA VAL B 2 7.64 10.24 4.68
C VAL B 2 6.55 9.86 5.67
N VAL B 3 6.89 9.06 6.66
CA VAL B 3 5.92 8.64 7.64
C VAL B 3 5.93 9.62 8.80
N MET B 4 4.74 10.08 9.20
CA MET B 4 4.55 11.02 10.30
C MET B 4 3.95 10.24 11.45
N THR B 5 4.74 10.07 12.52
CA THR B 5 4.34 9.28 13.70
C THR B 5 3.90 10.23 14.78
N GLN B 6 2.61 10.25 15.00
CA GLN B 6 1.96 11.14 15.92
C GLN B 6 1.56 10.42 17.23
N THR B 7 1.96 11.00 18.35
CA THR B 7 1.63 10.44 19.65
C THR B 7 1.18 11.56 20.64
N PRO B 8 0.33 11.26 21.63
CA PRO B 8 -0.41 10.00 21.80
C PRO B 8 -1.61 10.01 20.85
N LEU B 9 -2.24 8.87 20.63
CA LEU B 9 -3.42 8.80 19.78
C LEU B 9 -4.66 9.42 20.48
N SER B 10 -4.74 9.22 21.81
CA SER B 10 -5.83 9.74 22.63
C SER B 10 -5.19 10.54 23.74
N LEU B 11 -5.74 11.74 23.97
CA LEU B 11 -5.20 12.64 25.00
C LEU B 11 -6.35 13.23 25.84
N PRO B 12 -6.68 12.55 26.97
CA PRO B 12 -7.70 13.11 27.88
C PRO B 12 -7.06 14.24 28.67
N VAL B 13 -7.78 15.33 28.85
CA VAL B 13 -7.23 16.46 29.62
C VAL B 13 -8.32 17.14 30.39
N SER B 14 -7.94 17.98 31.35
CA SER B 14 -8.93 18.77 32.08
C SER B 14 -8.83 20.18 31.48
N LEU B 15 -9.95 20.91 31.52
CA LEU B 15 -9.94 22.27 31.02
C LEU B 15 -9.04 23.10 31.93
N GLY B 16 -8.22 23.94 31.28
CA GLY B 16 -7.25 24.76 31.96
C GLY B 16 -5.86 24.13 31.97
N ASP B 17 -5.77 22.83 31.70
CA ASP B 17 -4.48 22.08 31.65
C ASP B 17 -3.72 22.48 30.39
N GLN B 18 -2.46 22.00 30.31
CA GLN B 18 -1.69 22.04 29.07
C GLN B 18 -1.74 20.65 28.43
N ALA B 19 -1.82 20.59 27.08
CA ALA B 19 -1.75 19.34 26.34
C ALA B 19 -0.52 19.42 25.42
N SER B 20 0.25 18.33 25.30
CA SER B 20 1.43 18.26 24.42
C SER B 20 1.25 17.13 23.42
N ILE B 21 1.43 17.43 22.13
CA ILE B 21 1.26 16.44 21.05
C ILE B 21 2.54 16.38 20.27
N SER B 22 3.04 15.18 20.02
CA SER B 22 4.31 14.95 19.36
C SER B 22 4.09 14.43 17.94
N CYS B 23 4.92 14.89 17.02
CA CYS B 23 4.93 14.40 15.65
C CYS B 23 6.40 14.14 15.30
N ARG B 24 6.75 12.90 14.92
CA ARG B 24 8.11 12.58 14.49
C ARG B 24 8.07 12.12 13.04
N SER B 25 8.93 12.69 12.17
CA SER B 25 8.98 12.27 10.78
C SER B 25 10.10 11.26 10.52
N SER B 26 9.91 10.41 9.50
CA SER B 26 10.89 9.38 9.16
C SER B 26 12.18 9.91 8.53
N GLN B 27 12.14 11.16 8.05
CA GLN B 27 13.28 11.90 7.53
C GLN B 27 13.09 13.38 7.79
N SER B 28 14.18 14.13 7.72
CA SER B 28 14.14 15.56 7.98
C SER B 28 13.15 16.28 7.11
N LEU B 29 12.42 17.23 7.73
CA LEU B 29 11.47 18.05 6.99
C LEU B 29 12.07 19.39 6.55
N VAL B 30 13.40 19.55 6.67
CA VAL B 30 14.03 20.77 6.17
C VAL B 30 14.13 20.65 4.66
N HIS B 31 13.48 21.56 3.96
CA HIS B 31 13.48 21.65 2.50
C HIS B 31 14.83 22.24 2.04
N SER B 32 15.20 22.00 0.77
CA SER B 32 16.44 22.54 0.19
C SER B 32 16.44 24.09 0.24
N ASN B 33 15.24 24.73 0.27
CA ASN B 33 15.14 26.20 0.36
C ASN B 33 15.33 26.74 1.79
N GLY B 34 15.54 25.84 2.75
CA GLY B 34 15.79 26.18 4.15
C GLY B 34 14.57 26.20 5.05
N ASN B 35 13.37 26.14 4.45
CA ASN B 35 12.13 26.14 5.24
C ASN B 35 11.77 24.75 5.71
N THR B 36 10.95 24.64 6.77
CA THR B 36 10.49 23.36 7.29
C THR B 36 8.97 23.35 7.22
N TYR B 37 8.41 22.61 6.26
CA TYR B 37 6.99 22.60 5.98
C TYR B 37 6.22 21.60 6.80
N LEU B 38 6.17 21.88 8.10
CA LEU B 38 5.45 21.06 9.07
C LEU B 38 4.33 21.93 9.61
N HIS B 39 3.09 21.42 9.52
CA HIS B 39 1.93 22.21 9.95
C HIS B 39 1.13 21.40 10.95
N TRP B 40 0.27 22.12 11.70
CA TRP B 40 -0.64 21.50 12.65
C TRP B 40 -2.04 21.98 12.38
N TYR B 41 -2.98 21.03 12.43
CA TYR B 41 -4.41 21.30 12.15
C TYR B 41 -5.28 20.74 13.23
N LEU B 42 -6.49 21.35 13.39
CA LEU B 42 -7.52 20.86 14.30
C LEU B 42 -8.75 20.53 13.44
N GLN B 43 -9.33 19.32 13.63
CA GLN B 43 -10.55 18.91 12.91
C GLN B 43 -11.60 18.46 13.94
N LYS B 44 -12.81 18.99 13.82
CA LYS B 44 -13.95 18.61 14.66
C LYS B 44 -14.91 17.69 13.88
N PRO B 45 -15.76 16.88 14.58
CA PRO B 45 -16.67 15.97 13.84
C PRO B 45 -17.59 16.72 12.88
N GLY B 46 -17.72 16.18 11.66
CA GLY B 46 -18.55 16.75 10.61
C GLY B 46 -18.04 18.08 10.08
N GLN B 47 -16.80 18.46 10.48
CA GLN B 47 -16.20 19.70 10.04
C GLN B 47 -14.89 19.42 9.32
N SER B 48 -14.41 20.40 8.58
CA SER B 48 -13.15 20.19 7.89
C SER B 48 -11.98 20.70 8.77
N PRO B 49 -10.77 20.24 8.46
CA PRO B 49 -9.60 20.74 9.22
C PRO B 49 -9.41 22.24 9.13
N LYS B 50 -8.89 22.82 10.20
CA LYS B 50 -8.54 24.22 10.28
C LYS B 50 -7.05 24.31 10.60
N LEU B 51 -6.34 25.16 9.87
CA LEU B 51 -4.90 25.34 10.07
C LEU B 51 -4.63 26.12 11.34
N LEU B 52 -3.76 25.57 12.21
CA LEU B 52 -3.40 26.25 13.45
C LEU B 52 -2.01 26.87 13.37
N ILE B 53 -1.03 26.05 12.98
CA ILE B 53 0.38 26.44 12.97
C ILE B 53 0.95 26.05 11.62
N TYR B 54 1.69 26.96 10.98
CA TYR B 54 2.39 26.61 9.74
C TYR B 54 3.88 26.77 9.96
N LYS B 55 4.65 25.98 9.20
CA LYS B 55 6.12 26.00 9.24
C LYS B 55 6.61 25.98 10.69
N VAL B 56 6.18 24.94 11.41
CA VAL B 56 6.62 24.57 12.76
C VAL B 56 6.06 25.41 13.86
N SER B 57 6.20 26.75 13.74
CA SER B 57 5.94 27.63 14.90
C SER B 57 5.20 28.91 14.57
N ASN B 58 4.66 29.05 13.33
CA ASN B 58 3.95 30.28 13.02
C ASN B 58 2.48 30.13 13.19
N ARG B 59 1.85 30.97 14.03
CA ARG B 59 0.39 30.83 14.20
C ARG B 59 -0.33 31.41 13.00
N PHE B 60 -1.35 30.69 12.53
CA PHE B 60 -2.14 31.17 11.41
C PHE B 60 -3.10 32.26 11.92
N SER B 61 -3.68 33.04 10.99
CA SER B 61 -4.60 34.12 11.33
C SER B 61 -5.75 33.65 12.21
N GLY B 62 -5.98 34.40 13.29
CA GLY B 62 -7.06 34.12 14.23
C GLY B 62 -6.80 33.07 15.28
N VAL B 63 -5.63 32.40 15.19
CA VAL B 63 -5.29 31.36 16.15
C VAL B 63 -4.77 31.97 17.44
N PRO B 64 -5.38 31.58 18.59
CA PRO B 64 -4.94 32.10 19.91
C PRO B 64 -3.48 31.78 20.28
N ASP B 65 -2.84 32.66 21.09
CA ASP B 65 -1.44 32.46 21.50
C ASP B 65 -1.23 31.28 22.44
N ARG B 66 -2.33 30.58 22.78
CA ARG B 66 -2.25 29.37 23.61
C ARG B 66 -1.72 28.20 22.81
N PHE B 67 -1.77 28.30 21.47
CA PHE B 67 -1.24 27.24 20.63
C PHE B 67 0.18 27.61 20.24
N SER B 68 1.11 26.71 20.51
CA SER B 68 2.49 26.97 20.13
C SER B 68 3.15 25.72 19.61
N GLY B 69 3.93 25.93 18.57
CA GLY B 69 4.62 24.83 17.92
C GLY B 69 6.12 24.98 18.09
N SER B 70 6.80 23.86 18.20
CA SER B 70 8.25 23.85 18.36
C SER B 70 8.82 22.61 17.75
N GLY B 71 10.14 22.54 17.72
CA GLY B 71 10.88 21.41 17.19
C GLY B 71 11.65 21.78 15.94
N SER B 72 12.31 20.78 15.36
CA SER B 72 13.12 20.94 14.18
C SER B 72 13.50 19.58 13.62
N GLY B 73 13.84 19.55 12.34
CA GLY B 73 14.36 18.37 11.66
C GLY B 73 13.33 17.28 11.52
N THR B 74 13.30 16.35 12.50
CA THR B 74 12.36 15.22 12.51
C THR B 74 11.46 15.19 13.73
N ASP B 75 11.64 16.10 14.70
CA ASP B 75 10.90 16.04 15.95
C ASP B 75 10.17 17.34 16.19
N PHE B 76 8.85 17.24 16.34
CA PHE B 76 7.98 18.41 16.50
C PHE B 76 6.97 18.24 17.60
N THR B 77 6.61 19.36 18.24
CA THR B 77 5.62 19.34 19.28
C THR B 77 4.67 20.49 19.16
N LEU B 78 3.37 20.19 19.35
CA LEU B 78 2.33 21.19 19.51
C LEU B 78 1.96 21.23 20.98
N LYS B 79 2.01 22.45 21.58
CA LYS B 79 1.55 22.59 22.96
C LYS B 79 0.32 23.49 22.97
N ILE B 80 -0.73 23.03 23.68
CA ILE B 80 -1.96 23.82 23.85
C ILE B 80 -2.02 24.19 25.32
N SER B 81 -1.94 25.47 25.63
CA SER B 81 -2.00 25.94 26.99
C SER B 81 -3.44 26.29 27.33
N ARG B 82 -3.78 26.13 28.57
CA ARG B 82 -5.08 26.55 29.13
C ARG B 82 -6.22 26.05 28.22
N VAL B 83 -6.30 24.71 28.04
CA VAL B 83 -7.27 24.08 27.16
C VAL B 83 -8.70 24.52 27.50
N GLU B 84 -9.45 24.85 26.44
CA GLU B 84 -10.85 25.25 26.57
C GLU B 84 -11.71 24.21 25.84
N ALA B 85 -13.01 24.20 26.11
CA ALA B 85 -13.89 23.22 25.47
C ALA B 85 -13.84 23.28 23.95
N GLU B 86 -13.69 24.51 23.39
CA GLU B 86 -13.66 24.65 21.91
C GLU B 86 -12.39 24.04 21.27
N ASP B 87 -11.40 23.68 22.09
CA ASP B 87 -10.16 23.07 21.58
C ASP B 87 -10.30 21.58 21.38
N LEU B 88 -11.34 20.96 21.96
CA LEU B 88 -11.49 19.51 21.89
C LEU B 88 -11.78 19.10 20.44
N GLY B 89 -11.11 18.06 19.98
CA GLY B 89 -11.25 17.57 18.62
C GLY B 89 -10.03 16.76 18.26
N ILE B 90 -9.78 16.56 16.96
CA ILE B 90 -8.62 15.77 16.53
C ILE B 90 -7.57 16.71 15.97
N TYR B 91 -6.36 16.60 16.49
CA TYR B 91 -5.22 17.40 16.00
C TYR B 91 -4.37 16.53 15.11
N PHE B 92 -3.87 17.07 14.00
CA PHE B 92 -2.94 16.26 13.23
C PHE B 92 -1.85 17.13 12.65
N CYS B 93 -0.69 16.53 12.42
CA CYS B 93 0.42 17.20 11.77
C CYS B 93 0.42 16.82 10.28
N SER B 94 1.00 17.69 9.48
CA SER B 94 1.15 17.41 8.05
C SER B 94 2.49 17.90 7.61
N GLN B 95 3.04 17.26 6.57
CA GLN B 95 4.27 17.77 5.99
C GLN B 95 4.09 17.97 4.49
N ASN B 96 4.66 19.07 3.96
CA ASN B 96 4.67 19.29 2.51
C ASN B 96 6.06 19.65 2.01
N THR B 97 7.09 19.21 2.75
CA THR B 97 8.44 19.37 2.25
C THR B 97 8.66 18.36 1.10
N HIS B 98 8.08 17.15 1.24
CA HIS B 98 8.29 16.04 0.33
C HIS B 98 6.99 15.62 -0.32
N VAL B 99 7.07 15.13 -1.58
CA VAL B 99 5.92 14.61 -2.29
C VAL B 99 6.02 13.08 -2.20
N PRO B 100 4.95 12.36 -1.78
CA PRO B 100 3.63 12.90 -1.44
C PRO B 100 3.61 13.59 -0.10
N LEU B 101 2.70 14.57 0.01
CA LEU B 101 2.41 15.20 1.27
C LEU B 101 1.81 14.10 2.15
N THR B 102 2.17 14.08 3.45
CA THR B 102 1.69 13.04 4.37
C THR B 102 1.22 13.69 5.68
N PHE B 103 0.48 12.90 6.46
CA PHE B 103 -0.18 13.33 7.67
C PHE B 103 0.03 12.34 8.78
N GLY B 104 0.02 12.88 9.98
CA GLY B 104 -0.01 12.04 11.17
C GLY B 104 -1.38 11.43 11.30
N ALA B 105 -1.51 10.39 12.16
CA ALA B 105 -2.78 9.69 12.33
C ALA B 105 -3.81 10.45 13.13
N GLY B 106 -3.38 11.46 13.85
CA GLY B 106 -4.27 12.27 14.66
C GLY B 106 -4.20 11.95 16.14
N THR B 107 -4.45 12.98 16.93
CA THR B 107 -4.54 12.87 18.39
C THR B 107 -5.90 13.39 18.77
N LYS B 108 -6.71 12.57 19.48
CA LYS B 108 -8.03 13.04 19.90
C LYS B 108 -7.87 13.68 21.28
N LEU B 109 -8.04 15.01 21.35
CA LEU B 109 -7.98 15.75 22.63
C LEU B 109 -9.41 15.66 23.20
N GLU B 110 -9.54 14.96 24.34
CA GLU B 110 -10.86 14.66 24.92
C GLU B 110 -10.93 15.17 26.36
N LEU B 111 -12.14 15.27 26.91
CA LEU B 111 -12.32 15.81 28.26
C LEU B 111 -12.32 14.72 29.29
N LYS B 112 -11.43 14.83 30.30
CA LYS B 112 -11.35 13.89 31.39
C LYS B 112 -12.54 14.12 32.35
N ARG B 113 -13.14 13.02 32.84
CA ARG B 113 -14.23 13.05 33.82
C ARG B 113 -14.07 11.83 34.73
N ALA B 114 -14.92 11.72 35.76
CA ALA B 114 -14.91 10.59 36.66
C ALA B 114 -15.25 9.29 35.92
N ASP B 115 -14.71 8.16 36.41
CA ASP B 115 -15.01 6.86 35.82
C ASP B 115 -16.50 6.57 35.98
N ALA B 116 -17.11 5.96 34.96
CA ALA B 116 -18.50 5.56 34.96
C ALA B 116 -18.61 4.21 34.31
N ALA B 117 -19.25 3.27 35.01
CA ALA B 117 -19.44 1.93 34.46
C ALA B 117 -20.50 1.98 33.36
N PRO B 118 -20.36 1.15 32.31
CA PRO B 118 -21.39 1.15 31.26
C PRO B 118 -22.72 0.56 31.79
N THR B 119 -23.86 1.04 31.27
CA THR B 119 -25.17 0.44 31.54
C THR B 119 -25.34 -0.53 30.36
N VAL B 120 -25.38 -1.86 30.63
CA VAL B 120 -25.41 -2.90 29.62
C VAL B 120 -26.80 -3.52 29.47
N SER B 121 -27.29 -3.56 28.23
CA SER B 121 -28.60 -4.11 27.92
C SER B 121 -28.50 -5.05 26.73
N ILE B 122 -29.09 -6.26 26.84
CA ILE B 122 -29.06 -7.24 25.75
C ILE B 122 -30.47 -7.42 25.18
N PHE B 123 -30.54 -7.60 23.86
CA PHE B 123 -31.80 -7.76 23.15
C PHE B 123 -31.79 -8.95 22.25
N PRO B 124 -32.72 -9.88 22.47
CA PRO B 124 -32.84 -11.01 21.54
C PRO B 124 -33.35 -10.56 20.17
N PRO B 125 -33.28 -11.42 19.16
CA PRO B 125 -33.89 -11.12 17.86
C PRO B 125 -35.37 -10.77 18.01
N SER B 126 -35.81 -9.81 17.21
CA SER B 126 -37.21 -9.44 17.18
C SER B 126 -38.01 -10.51 16.47
N SER B 127 -39.32 -10.61 16.78
CA SER B 127 -40.16 -11.59 16.11
C SER B 127 -40.19 -11.31 14.60
N GLU B 128 -40.19 -10.00 14.21
CA GLU B 128 -40.17 -9.60 12.79
C GLU B 128 -38.93 -10.08 12.06
N GLN B 129 -37.74 -9.97 12.69
CA GLN B 129 -36.52 -10.45 12.04
C GLN B 129 -36.53 -11.96 11.87
N LEU B 130 -36.98 -12.66 12.90
CA LEU B 130 -37.05 -14.13 12.86
C LEU B 130 -37.99 -14.61 11.77
N THR B 131 -39.14 -13.92 11.58
CA THR B 131 -40.13 -14.24 10.53
C THR B 131 -39.45 -14.08 9.15
N SER B 132 -38.62 -13.03 9.02
CA SER B 132 -37.85 -12.71 7.82
C SER B 132 -36.70 -13.72 7.56
N GLY B 133 -36.39 -14.56 8.54
CA GLY B 133 -35.35 -15.57 8.44
C GLY B 133 -33.98 -15.19 8.96
N GLY B 134 -33.87 -14.10 9.73
CA GLY B 134 -32.60 -13.64 10.27
C GLY B 134 -32.61 -13.62 11.80
N ALA B 135 -31.43 -13.44 12.42
CA ALA B 135 -31.35 -13.39 13.89
C ALA B 135 -30.19 -12.53 14.37
N SER B 136 -30.47 -11.31 14.81
CA SER B 136 -29.40 -10.46 15.33
C SER B 136 -29.62 -10.30 16.81
N VAL B 137 -28.54 -10.33 17.59
CA VAL B 137 -28.59 -10.13 19.02
C VAL B 137 -27.85 -8.81 19.27
N VAL B 138 -28.49 -7.84 19.95
CA VAL B 138 -27.88 -6.51 20.12
C VAL B 138 -27.53 -6.30 21.60
N CYS B 139 -26.41 -5.62 21.83
CA CYS B 139 -26.01 -5.26 23.16
C CYS B 139 -25.66 -3.79 23.13
N PHE B 140 -26.28 -2.99 24.02
CA PHE B 140 -25.89 -1.57 24.17
C PHE B 140 -25.09 -1.46 25.43
N LEU B 141 -24.01 -0.67 25.38
CA LEU B 141 -23.17 -0.43 26.55
C LEU B 141 -23.12 1.09 26.60
N ASN B 142 -23.96 1.69 27.47
CA ASN B 142 -24.14 3.13 27.45
C ASN B 142 -23.58 3.90 28.59
N ASN B 143 -23.16 5.13 28.27
CA ASN B 143 -22.73 6.15 29.21
C ASN B 143 -21.59 5.72 30.18
N PHE B 144 -20.47 5.25 29.59
CA PHE B 144 -19.29 4.84 30.34
C PHE B 144 -18.09 5.78 30.13
N TYR B 145 -17.13 5.70 31.05
CA TYR B 145 -15.88 6.46 30.98
C TYR B 145 -14.84 5.70 31.83
N PRO B 146 -13.58 5.49 31.36
CA PRO B 146 -12.97 5.91 30.08
C PRO B 146 -13.52 5.20 28.86
N LYS B 147 -13.12 5.63 27.66
CA LYS B 147 -13.62 5.11 26.39
C LYS B 147 -13.22 3.66 26.06
N ASP B 148 -12.12 3.18 26.63
CA ASP B 148 -11.56 1.84 26.43
C ASP B 148 -12.49 0.79 26.98
N ILE B 149 -12.99 -0.11 26.11
CA ILE B 149 -13.93 -1.12 26.53
C ILE B 149 -13.75 -2.30 25.60
N ASN B 150 -14.08 -3.49 26.09
CA ASN B 150 -14.00 -4.70 25.29
C ASN B 150 -15.29 -5.43 25.45
N VAL B 151 -15.88 -5.89 24.33
CA VAL B 151 -17.09 -6.68 24.36
C VAL B 151 -16.75 -8.08 23.86
N LYS B 152 -17.23 -9.09 24.57
CA LYS B 152 -17.05 -10.47 24.17
C LYS B 152 -18.44 -11.09 24.08
N TRP B 153 -18.74 -11.76 22.96
CA TRP B 153 -19.98 -12.50 22.78
C TRP B 153 -19.75 -13.95 23.04
N LYS B 154 -20.70 -14.60 23.73
CA LYS B 154 -20.62 -16.04 23.99
C LYS B 154 -21.95 -16.68 23.62
N ILE B 155 -21.87 -17.84 22.95
CA ILE B 155 -23.04 -18.63 22.56
C ILE B 155 -22.85 -19.96 23.26
N ASP B 156 -23.79 -20.34 24.16
CA ASP B 156 -23.69 -21.56 24.98
C ASP B 156 -22.36 -21.61 25.74
N GLY B 157 -21.91 -20.45 26.23
CA GLY B 157 -20.66 -20.34 26.98
C GLY B 157 -19.39 -20.28 26.15
N SER B 158 -19.50 -20.42 24.81
CA SER B 158 -18.32 -20.40 23.92
C SER B 158 -18.19 -19.06 23.21
N GLU B 159 -16.97 -18.48 23.20
CA GLU B 159 -16.68 -17.20 22.56
C GLU B 159 -17.00 -17.23 21.04
N ARG B 160 -17.64 -16.15 20.57
CA ARG B 160 -17.99 -15.99 19.17
C ARG B 160 -17.45 -14.64 18.68
N GLN B 161 -16.58 -14.66 17.66
CA GLN B 161 -15.97 -13.44 17.11
C GLN B 161 -16.53 -13.01 15.75
N ASN B 162 -16.81 -13.98 14.87
CA ASN B 162 -17.35 -13.73 13.53
C ASN B 162 -18.80 -13.21 13.58
N GLY B 163 -19.13 -12.29 12.68
CA GLY B 163 -20.47 -11.73 12.60
C GLY B 163 -20.78 -10.63 13.61
N VAL B 164 -19.76 -10.09 14.26
CA VAL B 164 -19.95 -9.01 15.24
C VAL B 164 -19.74 -7.66 14.54
N LEU B 165 -20.70 -6.72 14.71
CA LEU B 165 -20.64 -5.35 14.18
C LEU B 165 -20.65 -4.41 15.38
N ASN B 166 -19.63 -3.57 15.50
CA ASN B 166 -19.53 -2.63 16.61
C ASN B 166 -19.53 -1.20 16.12
N SER B 167 -20.20 -0.33 16.89
CA SER B 167 -20.25 1.10 16.61
C SER B 167 -20.12 1.88 17.92
N TRP B 168 -19.45 3.06 17.88
CA TRP B 168 -19.21 3.84 19.07
C TRP B 168 -19.65 5.29 18.86
N THR B 169 -20.19 5.92 19.93
CA THR B 169 -20.51 7.35 19.85
C THR B 169 -19.28 8.16 20.20
N ASP B 170 -19.34 9.43 19.83
CA ASP B 170 -18.33 10.42 20.19
C ASP B 170 -18.63 10.80 21.64
N GLN B 171 -17.65 11.39 22.31
CA GLN B 171 -17.86 11.78 23.68
C GLN B 171 -19.07 12.74 23.79
N ASP B 172 -19.97 12.45 24.73
CA ASP B 172 -21.17 13.27 24.93
C ASP B 172 -20.82 14.70 25.38
N SER B 173 -21.43 15.71 24.73
CA SER B 173 -21.18 17.13 24.99
C SER B 173 -21.65 17.63 26.36
N LYS B 174 -22.62 16.91 26.95
CA LYS B 174 -23.27 17.20 28.22
C LYS B 174 -22.67 16.41 29.41
N ASP B 175 -22.51 15.07 29.30
CA ASP B 175 -22.01 14.28 30.43
C ASP B 175 -20.59 13.66 30.20
N SER B 176 -19.97 13.90 29.04
CA SER B 176 -18.60 13.48 28.70
C SER B 176 -18.39 11.98 28.66
N THR B 177 -19.48 11.20 28.54
CA THR B 177 -19.37 9.75 28.48
C THR B 177 -19.34 9.26 27.04
N TYR B 178 -19.17 7.96 26.89
CA TYR B 178 -19.15 7.26 25.61
C TYR B 178 -20.20 6.16 25.64
N SER B 179 -20.68 5.76 24.48
CA SER B 179 -21.64 4.66 24.38
C SER B 179 -21.21 3.78 23.22
N MET B 180 -21.67 2.52 23.23
CA MET B 180 -21.27 1.57 22.24
C MET B 180 -22.44 0.65 21.94
N SER B 181 -22.53 0.20 20.70
CA SER B 181 -23.52 -0.78 20.24
C SER B 181 -22.75 -1.95 19.66
N SER B 182 -23.11 -3.17 20.05
CA SER B 182 -22.47 -4.36 19.51
C SER B 182 -23.59 -5.29 19.02
N THR B 183 -23.56 -5.69 17.75
CA THR B 183 -24.59 -6.59 17.19
C THR B 183 -23.93 -7.88 16.74
N LEU B 184 -24.44 -9.01 17.23
CA LEU B 184 -23.98 -10.33 16.79
C LEU B 184 -25.00 -10.81 15.75
N THR B 185 -24.60 -11.00 14.50
CA THR B 185 -25.56 -11.50 13.50
C THR B 185 -25.27 -12.98 13.24
N LEU B 186 -26.32 -13.81 13.32
CA LEU B 186 -26.29 -15.24 13.10
C LEU B 186 -27.35 -15.53 12.07
N THR B 187 -27.35 -16.74 11.55
CA THR B 187 -28.47 -17.19 10.74
C THR B 187 -29.56 -17.59 11.73
N LYS B 188 -30.81 -17.57 11.30
CA LYS B 188 -31.90 -18.04 12.16
C LYS B 188 -31.67 -19.53 12.53
N ASP B 189 -31.15 -20.36 11.59
CA ASP B 189 -30.86 -21.77 11.92
C ASP B 189 -29.83 -21.87 13.04
N GLU B 190 -28.76 -21.01 13.03
CA GLU B 190 -27.79 -21.05 14.12
C GLU B 190 -28.46 -20.64 15.41
N TYR B 191 -29.28 -19.57 15.35
CA TYR B 191 -29.96 -19.09 16.56
C TYR B 191 -30.85 -20.21 17.15
N GLU B 192 -31.49 -20.98 16.28
CA GLU B 192 -32.39 -22.06 16.68
C GLU B 192 -31.65 -23.37 17.11
N ARG B 193 -30.29 -23.35 17.10
CA ARG B 193 -29.42 -24.51 17.50
C ARG B 193 -28.75 -24.27 18.88
N HIS B 194 -28.84 -23.04 19.42
CA HIS B 194 -28.15 -22.71 20.69
C HIS B 194 -29.13 -22.05 21.64
N ASN B 195 -28.88 -22.18 22.95
CA ASN B 195 -29.80 -21.67 23.95
CA ASN B 195 -29.80 -21.65 23.94
C ASN B 195 -29.37 -20.36 24.61
N SER B 196 -28.12 -20.28 25.05
CA SER B 196 -27.63 -19.15 25.81
C SER B 196 -26.86 -18.15 24.98
N TYR B 197 -27.21 -16.85 25.13
CA TYR B 197 -26.56 -15.74 24.41
C TYR B 197 -26.09 -14.72 25.44
N THR B 198 -24.79 -14.38 25.40
CA THR B 198 -24.19 -13.51 26.39
C THR B 198 -23.36 -12.40 25.78
N CYS B 199 -23.51 -11.16 26.33
CA CYS B 199 -22.73 -9.94 26.05
C CYS B 199 -21.88 -9.75 27.32
N GLU B 200 -20.54 -9.72 27.21
CA GLU B 200 -19.68 -9.51 28.38
C GLU B 200 -18.87 -8.25 28.15
N ALA B 201 -18.97 -7.28 29.06
CA ALA B 201 -18.25 -6.02 28.92
C ALA B 201 -17.11 -5.90 29.92
N THR B 202 -15.88 -5.69 29.41
CA THR B 202 -14.70 -5.49 30.25
C THR B 202 -14.35 -4.01 30.19
N HIS B 203 -14.27 -3.37 31.37
CA HIS B 203 -14.04 -1.95 31.50
C HIS B 203 -13.23 -1.75 32.76
N LYS B 204 -12.50 -0.63 32.87
CA LYS B 204 -11.64 -0.37 34.02
C LYS B 204 -12.40 -0.24 35.37
N THR B 205 -13.72 0.03 35.33
CA THR B 205 -14.58 0.21 36.51
C THR B 205 -14.90 -1.07 37.28
N SER B 206 -14.58 -2.24 36.71
CA SER B 206 -14.83 -3.53 37.36
C SER B 206 -13.73 -4.53 37.04
N THR B 207 -13.27 -5.29 38.06
CA THR B 207 -12.24 -6.32 37.89
C THR B 207 -12.84 -7.51 37.13
N SER B 208 -14.12 -7.80 37.40
CA SER B 208 -14.89 -8.85 36.75
C SER B 208 -15.76 -8.24 35.63
N PRO B 209 -15.96 -8.92 34.49
CA PRO B 209 -16.80 -8.29 33.44
C PRO B 209 -18.27 -8.17 33.83
N ILE B 210 -18.99 -7.22 33.19
CA ILE B 210 -20.43 -7.07 33.37
C ILE B 210 -21.01 -8.07 32.37
N VAL B 211 -21.84 -9.01 32.85
CA VAL B 211 -22.40 -10.06 32.00
C VAL B 211 -23.91 -9.86 31.87
N LYS B 212 -24.40 -9.80 30.62
CA LYS B 212 -25.84 -9.75 30.35
C LYS B 212 -26.13 -10.92 29.42
N SER B 213 -27.10 -11.73 29.81
CA SER B 213 -27.43 -12.93 29.05
C SER B 213 -28.92 -13.18 28.98
N PHE B 214 -29.30 -14.07 28.06
CA PHE B 214 -30.68 -14.55 28.01
C PHE B 214 -30.64 -15.95 27.44
N ASN B 215 -31.68 -16.68 27.69
CA ASN B 215 -31.89 -18.01 27.13
C ASN B 215 -33.02 -17.89 26.12
N ARG B 216 -32.80 -18.41 24.91
CA ARG B 216 -33.75 -18.35 23.79
C ARG B 216 -35.18 -18.78 24.16
N ASN B 217 -35.31 -19.78 25.04
CA ASN B 217 -36.60 -20.36 25.45
C ASN B 217 -37.16 -19.85 26.77
N GLU B 218 -36.33 -19.13 27.55
CA GLU B 218 -36.65 -18.60 28.88
C GLU B 218 -36.55 -17.07 28.89
N VAL C 2 6.62 -31.71 -21.66
CA VAL C 2 5.95 -30.54 -22.20
C VAL C 2 7.02 -29.45 -22.39
N THR C 3 7.03 -28.82 -23.58
CA THR C 3 7.99 -27.75 -23.88
C THR C 3 7.23 -26.60 -24.53
N LEU C 4 7.55 -25.38 -24.10
CA LEU C 4 6.95 -24.17 -24.67
C LEU C 4 8.06 -23.19 -24.99
N LYS C 5 7.96 -22.52 -26.14
CA LYS C 5 8.95 -21.54 -26.54
C LYS C 5 8.26 -20.28 -27.06
N GLU C 6 8.53 -19.16 -26.40
CA GLU C 6 7.97 -17.89 -26.79
C GLU C 6 8.89 -17.21 -27.79
N SER C 7 8.28 -16.50 -28.74
CA SER C 7 9.04 -15.69 -29.70
C SER C 7 8.35 -14.37 -29.88
N GLY C 8 9.15 -13.34 -30.13
CA GLY C 8 8.65 -11.99 -30.27
C GLY C 8 9.64 -11.14 -31.05
N PRO C 9 9.42 -9.82 -31.04
CA PRO C 9 10.25 -8.92 -31.87
C PRO C 9 11.54 -8.46 -31.25
N GLY C 10 11.69 -8.67 -29.95
CA GLY C 10 12.89 -8.20 -29.26
C GLY C 10 12.72 -6.78 -28.80
N ILE C 11 12.75 -5.84 -29.75
CA ILE C 11 12.59 -4.40 -29.50
C ILE C 11 11.47 -3.85 -30.38
N LEU C 12 10.59 -3.00 -29.81
CA LEU C 12 9.52 -2.28 -30.53
C LEU C 12 9.52 -0.86 -30.08
N GLN C 13 8.98 0.02 -30.93
CA GLN C 13 8.83 1.42 -30.62
C GLN C 13 7.49 1.65 -29.94
N PRO C 14 7.39 2.67 -29.04
CA PRO C 14 6.08 3.03 -28.48
C PRO C 14 5.07 3.31 -29.60
N SER C 15 3.83 2.84 -29.36
CA SER C 15 2.61 2.89 -30.19
C SER C 15 2.49 1.69 -31.12
N GLN C 16 3.55 0.89 -31.28
CA GLN C 16 3.51 -0.27 -32.16
C GLN C 16 2.72 -1.42 -31.56
N THR C 17 2.39 -2.43 -32.38
CA THR C 17 1.69 -3.61 -31.90
C THR C 17 2.70 -4.71 -31.63
N LEU C 18 2.63 -5.30 -30.41
CA LEU C 18 3.47 -6.42 -30.02
C LEU C 18 2.75 -7.70 -30.45
N SER C 19 3.44 -8.54 -31.25
CA SER C 19 2.90 -9.84 -31.66
C SER C 19 3.78 -10.93 -31.12
N LEU C 20 3.23 -11.71 -30.17
CA LEU C 20 3.94 -12.81 -29.52
C LEU C 20 3.42 -14.15 -29.97
N THR C 21 4.32 -15.12 -30.11
CA THR C 21 3.95 -16.49 -30.47
C THR C 21 4.49 -17.44 -29.40
N CYS C 22 3.67 -18.42 -28.99
CA CYS C 22 4.03 -19.51 -28.07
C CYS C 22 3.98 -20.78 -28.94
N SER C 23 5.12 -21.42 -29.19
CA SER C 23 5.18 -22.66 -29.97
C SER C 23 5.44 -23.75 -28.96
N PHE C 24 4.58 -24.76 -28.94
CA PHE C 24 4.72 -25.79 -27.92
C PHE C 24 4.72 -27.21 -28.49
N SER C 25 5.09 -28.15 -27.64
CA SER C 25 5.08 -29.58 -27.92
C SER C 25 4.82 -30.36 -26.63
N GLY C 26 4.41 -31.61 -26.77
CA GLY C 26 4.13 -32.42 -25.59
C GLY C 26 2.69 -32.39 -25.13
N PHE C 27 1.88 -31.51 -25.74
CA PHE C 27 0.44 -31.41 -25.48
C PHE C 27 -0.26 -30.83 -26.70
N SER C 28 -1.60 -30.94 -26.69
CA SER C 28 -2.41 -30.42 -27.80
C SER C 28 -3.53 -29.57 -27.28
N LEU C 29 -3.80 -28.45 -28.00
CA LEU C 29 -4.94 -27.62 -27.65
C LEU C 29 -6.24 -28.20 -28.19
N SER C 30 -6.21 -29.40 -28.73
CA SER C 30 -7.44 -30.07 -29.13
C SER C 30 -7.93 -30.90 -27.91
N THR C 31 -7.04 -31.14 -26.93
CA THR C 31 -7.36 -31.94 -25.75
C THR C 31 -8.38 -31.25 -24.82
N SER C 32 -9.47 -31.95 -24.46
CA SER C 32 -10.50 -31.41 -23.56
C SER C 32 -9.85 -31.02 -22.24
N GLY C 33 -10.15 -29.82 -21.78
CA GLY C 33 -9.59 -29.27 -20.56
C GLY C 33 -8.30 -28.48 -20.74
N MET C 34 -7.65 -28.61 -21.91
CA MET C 34 -6.36 -27.94 -22.11
C MET C 34 -6.49 -26.42 -22.30
N GLY C 35 -5.46 -25.69 -21.85
CA GLY C 35 -5.47 -24.25 -22.01
C GLY C 35 -4.06 -23.72 -21.95
N VAL C 36 -3.86 -22.45 -22.36
CA VAL C 36 -2.56 -21.80 -22.30
C VAL C 36 -2.78 -20.37 -21.83
N SER C 37 -1.92 -19.89 -20.90
CA SER C 37 -1.96 -18.50 -20.46
C SER C 37 -0.69 -17.75 -20.85
N TRP C 38 -0.80 -16.43 -20.91
CA TRP C 38 0.34 -15.54 -21.10
C TRP C 38 0.48 -14.75 -19.80
N ILE C 39 1.72 -14.58 -19.35
CA ILE C 39 2.06 -13.85 -18.12
C ILE C 39 3.29 -13.05 -18.41
N ARG C 40 3.44 -11.84 -17.83
CA ARG C 40 4.67 -11.09 -18.03
C ARG C 40 5.33 -10.70 -16.71
N GLN C 41 6.63 -10.38 -16.77
CA GLN C 41 7.41 -10.06 -15.57
C GLN C 41 8.41 -9.00 -15.97
N PRO C 42 8.12 -7.73 -15.67
CA PRO C 42 9.14 -6.69 -15.84
C PRO C 42 10.28 -7.01 -14.88
N SER C 43 11.53 -6.67 -15.27
CA SER C 43 12.72 -6.94 -14.46
C SER C 43 12.57 -6.45 -13.01
N GLY C 44 12.68 -7.39 -12.07
CA GLY C 44 12.59 -7.14 -10.64
C GLY C 44 11.22 -6.73 -10.09
N LYS C 45 10.15 -6.85 -10.91
CA LYS C 45 8.79 -6.47 -10.50
C LYS C 45 7.90 -7.71 -10.40
N GLY C 46 6.62 -7.51 -10.04
CA GLY C 46 5.70 -8.63 -9.89
C GLY C 46 5.23 -9.23 -11.19
N LEU C 47 4.82 -10.52 -11.14
CA LEU C 47 4.25 -11.17 -12.31
C LEU C 47 2.87 -10.57 -12.55
N GLU C 48 2.51 -10.47 -13.84
CA GLU C 48 1.22 -9.93 -14.22
C GLU C 48 0.61 -10.86 -15.26
N TRP C 49 -0.52 -11.48 -14.90
CA TRP C 49 -1.23 -12.37 -15.83
C TRP C 49 -1.88 -11.49 -16.90
N LEU C 50 -1.88 -11.98 -18.16
CA LEU C 50 -2.41 -11.21 -19.28
C LEU C 50 -3.67 -11.80 -19.87
N ALA C 51 -3.62 -13.05 -20.29
CA ALA C 51 -4.73 -13.64 -21.01
C ALA C 51 -4.66 -15.14 -20.94
N HIS C 52 -5.78 -15.81 -21.24
CA HIS C 52 -5.85 -17.27 -21.24
C HIS C 52 -6.77 -17.72 -22.35
N ILE C 53 -6.45 -18.87 -22.93
CA ILE C 53 -7.31 -19.49 -23.92
C ILE C 53 -7.46 -20.97 -23.61
N TYR C 54 -8.69 -21.47 -23.69
CA TYR C 54 -8.96 -22.90 -23.53
C TYR C 54 -9.18 -23.58 -24.89
N TRP C 55 -9.14 -24.94 -24.89
CA TRP C 55 -9.32 -25.79 -26.07
C TRP C 55 -10.64 -25.47 -26.80
N ASP C 56 -11.67 -24.98 -26.08
CA ASP C 56 -12.97 -24.68 -26.64
C ASP C 56 -13.12 -23.22 -27.09
N ASN C 57 -12.00 -22.47 -27.09
CA ASN C 57 -11.87 -21.08 -27.48
C ASN C 57 -12.50 -20.13 -26.46
N ASP C 58 -12.72 -20.61 -25.20
CA ASP C 58 -13.13 -19.68 -24.15
CA ASP C 58 -13.14 -19.68 -24.14
C ASP C 58 -11.89 -18.85 -23.85
N ARG C 59 -12.02 -17.54 -23.81
CA ARG C 59 -10.87 -16.66 -23.62
C ARG C 59 -11.11 -15.76 -22.44
N TYR C 60 -10.02 -15.42 -21.71
CA TYR C 60 -10.09 -14.55 -20.55
C TYR C 60 -8.98 -13.55 -20.65
N TYR C 61 -9.25 -12.34 -20.19
CA TYR C 61 -8.26 -11.26 -20.23
C TYR C 61 -8.13 -10.53 -18.90
N ASN C 62 -6.94 -9.94 -18.67
CA ASN C 62 -6.73 -9.03 -17.55
C ASN C 62 -7.56 -7.76 -17.83
N PRO C 63 -8.59 -7.48 -17.00
CA PRO C 63 -9.48 -6.33 -17.26
C PRO C 63 -8.77 -5.01 -17.46
N SER C 64 -7.64 -4.78 -16.79
CA SER C 64 -6.93 -3.50 -16.91
C SER C 64 -6.22 -3.32 -18.25
N LEU C 65 -5.97 -4.43 -19.01
CA LEU C 65 -5.31 -4.38 -20.29
C LEU C 65 -6.24 -4.88 -21.40
N LYS C 66 -7.47 -5.29 -21.02
CA LYS C 66 -8.46 -5.92 -21.90
C LYS C 66 -8.56 -5.26 -23.30
N SER C 67 -8.72 -3.92 -23.38
CA SER C 67 -8.85 -3.23 -24.67
C SER C 67 -7.64 -3.40 -25.62
N ARG C 68 -6.47 -3.73 -25.07
CA ARG C 68 -5.26 -3.83 -25.89
C ARG C 68 -4.86 -5.27 -26.22
N LEU C 69 -5.56 -6.26 -25.66
CA LEU C 69 -5.13 -7.64 -25.82
C LEU C 69 -6.00 -8.47 -26.74
N THR C 70 -5.40 -9.42 -27.45
CA THR C 70 -6.13 -10.43 -28.21
C THR C 70 -5.34 -11.72 -28.16
N ILE C 71 -5.95 -12.80 -27.62
CA ILE C 71 -5.30 -14.10 -27.57
C ILE C 71 -5.99 -15.01 -28.59
N SER C 72 -5.22 -15.87 -29.24
CA SER C 72 -5.78 -16.75 -30.27
C SER C 72 -4.88 -17.91 -30.42
N LYS C 73 -5.33 -18.90 -31.18
CA LYS C 73 -4.48 -20.08 -31.36
C LYS C 73 -4.58 -20.67 -32.75
N ASP C 74 -3.58 -21.49 -33.09
CA ASP C 74 -3.59 -22.27 -34.32
C ASP C 74 -3.39 -23.67 -33.79
N THR C 75 -4.51 -24.37 -33.58
CA THR C 75 -4.44 -25.67 -32.87
C THR C 75 -3.59 -26.69 -33.58
N PHE C 76 -3.73 -26.81 -34.91
CA PHE C 76 -2.95 -27.83 -35.59
C PHE C 76 -1.46 -27.51 -35.65
N SER C 77 -1.11 -26.22 -35.60
CA SER C 77 0.31 -25.80 -35.64
C SER C 77 0.92 -25.79 -34.26
N ASN C 78 0.13 -26.07 -33.21
CA ASN C 78 0.60 -26.08 -31.81
C ASN C 78 1.19 -24.71 -31.48
N GLN C 79 0.39 -23.66 -31.73
CA GLN C 79 0.79 -22.29 -31.44
C GLN C 79 -0.32 -21.50 -30.83
N VAL C 80 0.05 -20.60 -29.89
CA VAL C 80 -0.86 -19.63 -29.26
C VAL C 80 -0.25 -18.27 -29.53
N PHE C 81 -1.10 -17.26 -29.72
CA PHE C 81 -0.62 -15.93 -30.05
C PHE C 81 -1.18 -14.93 -29.08
N LEU C 82 -0.43 -13.85 -28.86
CA LEU C 82 -0.93 -12.72 -28.11
C LEU C 82 -0.55 -11.48 -28.87
N LYS C 83 -1.51 -10.59 -29.02
CA LYS C 83 -1.31 -9.31 -29.69
C LYS C 83 -1.60 -8.25 -28.63
N ILE C 84 -0.67 -7.29 -28.44
CA ILE C 84 -0.81 -6.17 -27.54
C ILE C 84 -0.69 -4.90 -28.38
N THR C 85 -1.77 -4.13 -28.51
CA THR C 85 -1.69 -2.91 -29.30
C THR C 85 -1.18 -1.71 -28.52
N ASN C 86 -0.73 -0.67 -29.24
CA ASN C 86 -0.30 0.62 -28.71
C ASN C 86 0.64 0.45 -27.51
N VAL C 87 1.77 -0.26 -27.73
CA VAL C 87 2.71 -0.51 -26.63
C VAL C 87 3.37 0.78 -26.12
N ASP C 88 3.81 0.74 -24.87
CA ASP C 88 4.55 1.84 -24.26
C ASP C 88 5.65 1.26 -23.39
N THR C 89 6.53 2.10 -22.82
CA THR C 89 7.66 1.64 -22.01
C THR C 89 7.28 0.62 -20.94
N ALA C 90 6.08 0.78 -20.30
CA ALA C 90 5.62 -0.16 -19.25
C ALA C 90 5.39 -1.59 -19.75
N ASP C 91 5.33 -1.80 -21.08
CA ASP C 91 5.16 -3.14 -21.66
C ASP C 91 6.50 -3.86 -21.80
N THR C 92 7.60 -3.20 -21.43
CA THR C 92 8.92 -3.81 -21.40
C THR C 92 8.87 -4.88 -20.32
N ALA C 93 9.14 -6.12 -20.69
CA ALA C 93 9.07 -7.23 -19.72
C ALA C 93 9.53 -8.52 -20.37
N THR C 94 9.70 -9.57 -19.55
CA THR C 94 9.85 -10.91 -20.11
C THR C 94 8.41 -11.44 -20.22
N TYR C 95 8.07 -12.02 -21.38
CA TYR C 95 6.73 -12.58 -21.63
C TYR C 95 6.81 -14.08 -21.63
N TYR C 96 5.96 -14.75 -20.82
CA TYR C 96 5.95 -16.19 -20.72
C TYR C 96 4.63 -16.74 -21.20
N CYS C 97 4.67 -17.92 -21.82
CA CYS C 97 3.43 -18.66 -22.03
C CYS C 97 3.52 -19.90 -21.10
N ALA C 98 2.39 -20.35 -20.63
CA ALA C 98 2.36 -21.47 -19.69
C ALA C 98 1.21 -22.40 -19.96
N ARG C 99 1.50 -23.70 -20.09
CA ARG C 99 0.44 -24.68 -20.23
C ARG C 99 -0.45 -24.55 -19.00
N SER C 100 -1.78 -24.49 -19.22
CA SER C 100 -2.72 -24.21 -18.16
C SER C 100 -4.01 -24.97 -18.34
N PRO C 101 -3.98 -26.29 -18.14
CA PRO C 101 -5.25 -27.06 -18.21
C PRO C 101 -6.16 -26.70 -17.03
N MET C 102 -7.43 -27.07 -17.12
CA MET C 102 -8.45 -26.77 -16.11
C MET C 102 -8.10 -27.08 -14.65
N ASN C 103 -7.42 -28.17 -14.39
CA ASN C 103 -7.16 -28.48 -12.98
C ASN C 103 -5.85 -27.92 -12.44
N THR C 104 -4.92 -27.60 -13.33
CA THR C 104 -3.58 -27.19 -12.91
C THR C 104 -3.09 -26.02 -13.75
N TRP C 105 -3.63 -24.83 -13.44
CA TRP C 105 -3.19 -23.63 -14.14
C TRP C 105 -1.67 -23.45 -14.03
N GLY C 106 -1.08 -22.99 -15.13
CA GLY C 106 0.33 -22.65 -15.19
C GLY C 106 1.23 -23.76 -14.71
N ASP C 107 1.00 -24.96 -15.22
CA ASP C 107 1.77 -26.11 -14.76
C ASP C 107 3.09 -26.33 -15.48
N TYR C 108 3.28 -25.73 -16.67
CA TYR C 108 4.60 -25.77 -17.31
C TYR C 108 4.79 -24.44 -18.00
N TRP C 109 5.90 -23.75 -17.71
CA TRP C 109 6.17 -22.44 -18.29
C TRP C 109 7.27 -22.50 -19.32
N GLY C 110 7.20 -21.65 -20.34
CA GLY C 110 8.29 -21.50 -21.30
C GLY C 110 9.44 -20.75 -20.64
N GLN C 111 10.60 -20.60 -21.34
CA GLN C 111 11.69 -19.86 -20.72
C GLN C 111 11.55 -18.34 -20.88
N GLY C 112 10.54 -17.92 -21.64
CA GLY C 112 10.24 -16.50 -21.80
C GLY C 112 10.93 -15.86 -22.97
N THR C 113 10.37 -14.72 -23.40
CA THR C 113 10.99 -13.89 -24.46
C THR C 113 11.07 -12.49 -23.92
N SER C 114 12.24 -11.85 -24.07
CA SER C 114 12.41 -10.49 -23.60
C SER C 114 11.87 -9.52 -24.65
N VAL C 115 11.04 -8.56 -24.19
CA VAL C 115 10.51 -7.51 -25.05
C VAL C 115 10.92 -6.16 -24.43
N THR C 116 11.53 -5.28 -25.24
CA THR C 116 11.89 -3.94 -24.81
C THR C 116 11.13 -2.95 -25.67
N VAL C 117 10.36 -2.05 -25.02
CA VAL C 117 9.63 -1.00 -25.74
C VAL C 117 10.39 0.29 -25.47
N SER C 118 10.98 0.86 -26.54
CA SER C 118 11.81 2.08 -26.41
C SER C 118 11.94 2.79 -27.73
N SER C 119 12.06 4.13 -27.66
CA SER C 119 12.29 5.01 -28.82
C SER C 119 13.82 5.21 -28.98
N ALA C 120 14.65 4.66 -28.05
CA ALA C 120 16.09 4.86 -28.15
C ALA C 120 16.74 4.26 -29.39
N LYS C 121 17.82 4.89 -29.86
CA LYS C 121 18.56 4.37 -31.00
C LYS C 121 19.75 3.59 -30.47
N THR C 122 20.27 2.65 -31.28
CA THR C 122 21.45 1.87 -30.95
C THR C 122 22.58 2.84 -30.59
N THR C 123 23.08 2.73 -29.35
CA THR C 123 24.11 3.61 -28.83
C THR C 123 25.16 2.75 -28.12
N ALA C 124 26.43 2.89 -28.53
CA ALA C 124 27.54 2.17 -27.93
C ALA C 124 27.83 2.81 -26.56
N PRO C 125 28.29 2.02 -25.58
CA PRO C 125 28.58 2.61 -24.27
C PRO C 125 29.87 3.40 -24.25
N SER C 126 29.96 4.31 -23.27
CA SER C 126 31.21 4.99 -22.95
C SER C 126 31.76 4.13 -21.81
N VAL C 127 33.03 3.72 -21.90
CA VAL C 127 33.61 2.83 -20.89
C VAL C 127 34.69 3.59 -20.17
N TYR C 128 34.49 3.77 -18.85
CA TYR C 128 35.46 4.57 -18.08
C TYR C 128 36.16 3.72 -17.01
N PRO C 129 37.47 3.85 -16.89
CA PRO C 129 38.18 3.12 -15.84
C PRO C 129 37.97 3.84 -14.50
N LEU C 130 37.86 3.05 -13.44
CA LEU C 130 37.70 3.58 -12.08
C LEU C 130 38.88 3.16 -11.25
N ALA C 131 39.85 4.08 -11.10
CA ALA C 131 41.03 3.80 -10.28
C ALA C 131 40.81 4.38 -8.89
N PRO C 132 41.45 3.84 -7.84
CA PRO C 132 41.23 4.38 -6.51
C PRO C 132 41.59 5.84 -6.34
N VAL C 133 41.02 6.41 -5.28
CA VAL C 133 41.32 7.79 -4.86
C VAL C 133 42.85 7.99 -4.74
N CYS C 134 43.35 9.14 -5.23
CA CYS C 134 44.78 9.52 -5.21
C CYS C 134 45.48 9.23 -3.88
N GLY C 139 46.27 -0.59 2.71
CA GLY C 139 45.35 -1.72 2.73
C GLY C 139 45.94 -2.96 2.08
N SER C 140 45.51 -4.15 2.53
CA SER C 140 46.02 -5.41 1.99
C SER C 140 45.43 -5.68 0.60
N SER C 141 44.25 -5.10 0.33
CA SER C 141 43.53 -5.24 -0.95
C SER C 141 43.22 -3.90 -1.57
N VAL C 142 42.93 -3.94 -2.87
CA VAL C 142 42.57 -2.74 -3.61
C VAL C 142 41.36 -3.08 -4.49
N THR C 143 40.42 -2.15 -4.60
CA THR C 143 39.24 -2.32 -5.46
C THR C 143 39.31 -1.37 -6.63
N LEU C 144 39.12 -1.91 -7.83
CA LEU C 144 39.09 -1.19 -9.09
C LEU C 144 37.71 -1.31 -9.72
N GLY C 145 37.43 -0.50 -10.72
CA GLY C 145 36.11 -0.61 -11.34
C GLY C 145 36.10 -0.20 -12.79
N CYS C 146 34.96 -0.44 -13.42
CA CYS C 146 34.75 -0.13 -14.80
C CYS C 146 33.28 0.38 -14.88
N LEU C 147 33.07 1.58 -15.43
CA LEU C 147 31.72 2.19 -15.55
C LEU C 147 31.34 2.15 -17.02
N VAL C 148 30.23 1.46 -17.32
CA VAL C 148 29.77 1.30 -18.72
C VAL C 148 28.52 2.14 -18.83
N LYS C 149 28.63 3.32 -19.45
CA LYS C 149 27.58 4.30 -19.41
C LYS C 149 26.94 4.65 -20.73
N GLY C 150 25.62 4.81 -20.69
CA GLY C 150 24.81 5.31 -21.79
C GLY C 150 24.73 4.47 -23.03
N TYR C 151 24.37 3.18 -22.87
CA TYR C 151 24.21 2.33 -24.05
C TYR C 151 22.78 1.88 -24.28
N PHE C 152 22.52 1.45 -25.49
CA PHE C 152 21.24 0.86 -25.85
C PHE C 152 21.45 -0.02 -27.07
N PRO C 153 20.84 -1.21 -27.13
CA PRO C 153 20.03 -1.86 -26.08
C PRO C 153 20.91 -2.74 -25.23
N GLU C 154 20.29 -3.51 -24.34
CA GLU C 154 21.01 -4.52 -23.60
C GLU C 154 21.25 -5.70 -24.57
N PRO C 155 22.26 -6.55 -24.36
CA PRO C 155 23.23 -6.54 -23.26
C PRO C 155 24.62 -6.08 -23.69
N VAL C 156 25.52 -6.03 -22.70
CA VAL C 156 26.94 -5.86 -22.91
C VAL C 156 27.57 -7.08 -22.23
N THR C 157 28.80 -7.42 -22.62
CA THR C 157 29.54 -8.48 -21.94
C THR C 157 30.76 -7.77 -21.36
N LEU C 158 31.05 -8.05 -20.10
CA LEU C 158 32.20 -7.44 -19.46
C LEU C 158 33.07 -8.53 -18.82
N THR C 159 34.37 -8.47 -19.07
CA THR C 159 35.34 -9.37 -18.44
C THR C 159 36.51 -8.53 -17.94
N TRP C 160 37.37 -9.17 -17.14
CA TRP C 160 38.59 -8.54 -16.64
C TRP C 160 39.75 -9.41 -17.09
N ASN C 161 40.80 -8.78 -17.63
CA ASN C 161 41.98 -9.52 -18.11
C ASN C 161 41.63 -10.70 -19.01
N SER C 162 40.70 -10.41 -19.97
CA SER C 162 40.23 -11.34 -21.00
C SER C 162 39.56 -12.59 -20.43
N GLY C 163 39.04 -12.47 -19.20
CA GLY C 163 38.36 -13.57 -18.53
C GLY C 163 39.22 -14.31 -17.55
N SER C 164 40.56 -14.02 -17.52
CA SER C 164 41.48 -14.69 -16.60
C SER C 164 41.33 -14.19 -15.18
N LEU C 165 40.74 -12.99 -15.00
CA LEU C 165 40.49 -12.46 -13.67
C LEU C 165 38.97 -12.56 -13.44
N SER C 166 38.55 -13.57 -12.66
CA SER C 166 37.13 -13.80 -12.40
C SER C 166 36.78 -13.79 -10.93
N SER C 167 37.73 -14.16 -10.07
CA SER C 167 37.53 -14.16 -8.62
C SER C 167 37.53 -12.70 -8.13
N GLY C 168 36.70 -12.41 -7.15
CA GLY C 168 36.63 -11.07 -6.57
C GLY C 168 36.01 -10.01 -7.46
N VAL C 169 35.25 -10.43 -8.51
CA VAL C 169 34.56 -9.57 -9.47
C VAL C 169 33.07 -9.48 -9.12
N HIS C 170 32.51 -8.25 -9.19
CA HIS C 170 31.07 -8.00 -9.07
C HIS C 170 30.62 -7.16 -10.24
N THR C 171 29.87 -7.76 -11.16
CA THR C 171 29.33 -7.05 -12.31
C THR C 171 27.85 -6.84 -12.02
N PHE C 172 27.47 -5.58 -11.92
CA PHE C 172 26.15 -5.20 -11.46
C PHE C 172 25.09 -5.14 -12.54
N PRO C 173 23.80 -5.39 -12.20
CA PRO C 173 22.75 -5.22 -13.22
C PRO C 173 22.65 -3.79 -13.74
N ALA C 174 22.29 -3.63 -15.02
CA ALA C 174 22.16 -2.33 -15.62
C ALA C 174 20.95 -1.62 -15.06
N VAL C 175 21.00 -0.30 -15.09
CA VAL C 175 19.93 0.59 -14.67
C VAL C 175 19.66 1.56 -15.84
N LEU C 176 18.40 1.94 -16.03
CA LEU C 176 18.03 2.89 -17.07
C LEU C 176 18.11 4.34 -16.55
N GLN C 177 18.63 5.24 -17.39
CA GLN C 177 18.68 6.67 -17.13
C GLN C 177 18.48 7.37 -18.47
N SER C 178 17.38 8.12 -18.59
CA SER C 178 16.97 8.86 -19.78
C SER C 178 17.10 8.01 -21.05
N ASP C 179 16.43 6.82 -21.03
CA ASP C 179 16.32 5.82 -22.10
C ASP C 179 17.61 5.03 -22.41
N LEU C 180 18.70 5.28 -21.66
CA LEU C 180 19.94 4.54 -21.90
C LEU C 180 20.32 3.75 -20.65
N TYR C 181 21.04 2.66 -20.86
CA TYR C 181 21.48 1.80 -19.76
C TYR C 181 22.87 2.16 -19.27
N THR C 182 23.11 1.90 -17.97
CA THR C 182 24.42 2.10 -17.36
C THR C 182 24.63 0.92 -16.43
N LEU C 183 25.84 0.34 -16.48
CA LEU C 183 26.21 -0.68 -15.51
C LEU C 183 27.62 -0.44 -15.04
N SER C 184 28.01 -1.15 -13.99
CA SER C 184 29.36 -1.03 -13.48
C SER C 184 29.84 -2.44 -13.08
N SER C 185 31.16 -2.57 -12.92
CA SER C 185 31.79 -3.77 -12.42
C SER C 185 32.93 -3.39 -11.53
N SER C 186 33.07 -4.09 -10.42
CA SER C 186 34.18 -3.91 -9.49
C SER C 186 35.05 -5.18 -9.50
N VAL C 187 36.36 -5.02 -9.22
CA VAL C 187 37.26 -6.16 -9.04
C VAL C 187 38.18 -5.86 -7.88
N THR C 188 38.31 -6.80 -6.95
CA THR C 188 39.17 -6.66 -5.77
C THR C 188 40.34 -7.62 -5.87
N VAL C 189 41.55 -7.07 -5.73
CA VAL C 189 42.79 -7.87 -5.82
C VAL C 189 43.70 -7.51 -4.64
N THR C 190 44.76 -8.30 -4.37
CA THR C 190 45.66 -7.89 -3.29
C THR C 190 46.43 -6.61 -3.76
N SER C 191 46.91 -5.78 -2.82
CA SER C 191 47.73 -4.61 -3.17
C SER C 191 49.05 -5.03 -3.86
N SER C 192 49.51 -6.31 -3.66
CA SER C 192 50.71 -6.81 -4.33
C SER C 192 50.41 -7.15 -5.81
N THR C 193 49.13 -7.09 -6.22
CA THR C 193 48.76 -7.38 -7.59
C THR C 193 48.70 -6.12 -8.41
N TRP C 194 48.04 -5.07 -7.92
CA TRP C 194 47.87 -3.83 -8.70
C TRP C 194 48.36 -2.65 -7.90
N PRO C 195 49.05 -1.66 -8.53
CA PRO C 195 49.31 -1.49 -9.97
C PRO C 195 50.52 -2.18 -10.57
N SER C 196 51.24 -3.02 -9.78
CA SER C 196 52.42 -3.67 -10.34
C SER C 196 52.11 -4.59 -11.52
N GLN C 197 50.88 -5.13 -11.56
CA GLN C 197 50.41 -6.00 -12.64
C GLN C 197 49.22 -5.35 -13.34
N SER C 198 49.11 -5.60 -14.66
CA SER C 198 48.10 -5.01 -15.52
C SER C 198 46.70 -5.56 -15.26
N ILE C 199 45.71 -4.65 -15.10
CA ILE C 199 44.29 -5.01 -14.96
C ILE C 199 43.50 -4.16 -15.98
N THR C 200 42.77 -4.84 -16.85
CA THR C 200 42.02 -4.20 -17.93
C THR C 200 40.60 -4.71 -17.95
N CYS C 201 39.60 -3.82 -18.09
CA CYS C 201 38.22 -4.32 -18.25
C CYS C 201 37.94 -4.38 -19.74
N ASN C 202 37.34 -5.47 -20.18
CA ASN C 202 37.04 -5.67 -21.60
C ASN C 202 35.50 -5.59 -21.76
N VAL C 203 35.02 -4.66 -22.61
CA VAL C 203 33.56 -4.46 -22.75
C VAL C 203 33.13 -4.61 -24.19
N ALA C 204 32.20 -5.52 -24.46
CA ALA C 204 31.66 -5.69 -25.79
C ALA C 204 30.18 -5.36 -25.79
N HIS C 205 29.71 -4.65 -26.85
CA HIS C 205 28.29 -4.32 -27.05
C HIS C 205 27.97 -4.81 -28.45
N PRO C 206 27.57 -6.10 -28.59
CA PRO C 206 27.33 -6.66 -29.94
C PRO C 206 26.36 -5.89 -30.83
N ALA C 207 25.34 -5.21 -30.24
CA ALA C 207 24.36 -4.45 -31.03
C ALA C 207 24.97 -3.27 -31.80
N SER C 208 26.05 -2.64 -31.27
CA SER C 208 26.75 -1.55 -31.94
C SER C 208 28.08 -2.04 -32.54
N SER C 209 28.32 -3.37 -32.50
CA SER C 209 29.51 -4.06 -32.99
C SER C 209 30.79 -3.45 -32.39
N THR C 210 30.74 -3.07 -31.09
CA THR C 210 31.89 -2.44 -30.43
C THR C 210 32.50 -3.33 -29.38
N LYS C 211 33.82 -3.22 -29.21
CA LYS C 211 34.62 -3.93 -28.22
C LYS C 211 35.69 -2.93 -27.78
N VAL C 212 35.69 -2.61 -26.49
CA VAL C 212 36.61 -1.63 -25.91
C VAL C 212 37.36 -2.28 -24.76
N ASP C 213 38.65 -1.98 -24.65
CA ASP C 213 39.48 -2.43 -23.56
C ASP C 213 39.95 -1.19 -22.84
N LYS C 214 39.75 -1.15 -21.51
CA LYS C 214 40.22 -0.02 -20.73
C LYS C 214 41.12 -0.49 -19.62
N LYS C 215 42.42 -0.14 -19.72
CA LYS C 215 43.36 -0.50 -18.69
C LYS C 215 43.12 0.43 -17.52
N ILE C 216 43.20 -0.12 -16.27
CA ILE C 216 43.01 0.72 -15.09
C ILE C 216 44.39 1.25 -14.70
N GLU C 217 44.54 2.58 -14.74
CA GLU C 217 45.82 3.20 -14.42
C GLU C 217 45.74 3.94 -13.11
N PRO C 218 46.81 3.96 -12.30
CA PRO C 218 46.79 4.78 -11.09
C PRO C 218 46.60 6.25 -11.44
N ARG C 219 45.85 6.97 -10.62
CA ARG C 219 45.59 8.40 -10.84
C ARG C 219 46.83 9.25 -10.59
N ASP D 1 -9.08 -6.06 -7.82
CA ASP D 1 -8.39 -7.35 -7.96
C ASP D 1 -8.15 -8.00 -6.61
N VAL D 2 -7.93 -9.33 -6.62
CA VAL D 2 -7.62 -10.03 -5.37
C VAL D 2 -6.14 -9.82 -5.07
N VAL D 3 -5.85 -9.23 -3.94
CA VAL D 3 -4.48 -8.98 -3.54
C VAL D 3 -3.96 -10.16 -2.74
N MET D 4 -2.78 -10.63 -3.12
CA MET D 4 -2.10 -11.74 -2.48
C MET D 4 -0.94 -11.19 -1.67
N THR D 5 -1.04 -11.25 -0.33
CA THR D 5 -0.02 -10.69 0.58
C THR D 5 0.84 -11.80 1.07
N GLN D 6 2.07 -11.80 0.58
CA GLN D 6 3.04 -12.82 0.85
C GLN D 6 4.07 -12.36 1.87
N THR D 7 4.30 -13.17 2.91
CA THR D 7 5.29 -12.85 3.95
C THR D 7 6.11 -14.10 4.31
N PRO D 8 7.37 -13.96 4.76
CA PRO D 8 8.17 -12.73 4.71
C PRO D 8 8.67 -12.52 3.28
N LEU D 9 9.14 -11.33 2.96
CA LEU D 9 9.67 -11.07 1.62
C LEU D 9 11.06 -11.69 1.44
N SER D 10 11.83 -11.73 2.53
CA SER D 10 13.16 -12.33 2.54
C SER D 10 13.18 -13.36 3.65
N LEU D 11 13.66 -14.59 3.34
CA LEU D 11 13.70 -15.66 4.30
C LEU D 11 15.08 -16.33 4.30
N PRO D 12 15.97 -15.88 5.20
CA PRO D 12 17.29 -16.52 5.33
C PRO D 12 17.11 -17.85 6.07
N VAL D 13 17.70 -18.92 5.57
CA VAL D 13 17.64 -20.24 6.23
C VAL D 13 18.97 -20.96 6.16
N SER D 14 19.13 -21.98 7.00
CA SER D 14 20.31 -22.83 6.94
C SER D 14 19.89 -24.11 6.27
N LEU D 15 20.83 -24.79 5.59
CA LEU D 15 20.51 -26.06 4.96
C LEU D 15 20.13 -27.09 6.02
N GLY D 16 19.05 -27.79 5.73
CA GLY D 16 18.52 -28.76 6.69
C GLY D 16 17.38 -28.21 7.53
N ASP D 17 17.23 -26.88 7.58
CA ASP D 17 16.18 -26.22 8.38
C ASP D 17 14.84 -26.40 7.67
N GLN D 18 13.77 -25.95 8.34
CA GLN D 18 12.44 -25.84 7.73
C GLN D 18 12.20 -24.37 7.44
N ALA D 19 11.53 -24.06 6.31
CA ALA D 19 11.15 -22.70 5.97
C ALA D 19 9.63 -22.68 5.83
N SER D 20 8.97 -21.62 6.33
CA SER D 20 7.51 -21.43 6.25
C SER D 20 7.20 -20.12 5.57
N ILE D 21 6.36 -20.16 4.52
CA ILE D 21 6.00 -18.96 3.75
C ILE D 21 4.50 -18.82 3.79
N SER D 22 4.03 -17.64 4.10
CA SER D 22 2.61 -17.32 4.26
C SER D 22 2.08 -16.56 3.05
N CYS D 23 0.86 -16.85 2.64
CA CYS D 23 0.17 -16.10 1.59
C CYS D 23 -1.24 -15.84 2.14
N ARG D 24 -1.65 -14.56 2.23
CA ARG D 24 -3.01 -14.21 2.64
C ARG D 24 -3.70 -13.50 1.47
N SER D 25 -4.92 -13.91 1.11
CA SER D 25 -5.67 -13.24 0.05
C SER D 25 -6.67 -12.24 0.62
N SER D 26 -7.01 -11.20 -0.20
CA SER D 26 -7.95 -10.16 0.23
C SER D 26 -9.40 -10.61 0.32
N GLN D 27 -9.71 -11.74 -0.32
CA GLN D 27 -11.01 -12.39 -0.27
C GLN D 27 -10.81 -13.88 -0.42
N SER D 28 -11.83 -14.64 -0.01
CA SER D 28 -11.75 -16.11 -0.08
C SER D 28 -11.42 -16.62 -1.45
N LEU D 29 -10.54 -17.64 -1.49
CA LEU D 29 -10.19 -18.26 -2.75
C LEU D 29 -11.04 -19.52 -3.04
N VAL D 30 -12.09 -19.76 -2.25
CA VAL D 30 -12.95 -20.90 -2.54
C VAL D 30 -13.84 -20.49 -3.72
N HIS D 31 -13.73 -21.23 -4.81
CA HIS D 31 -14.52 -21.02 -6.02
C HIS D 31 -15.94 -21.56 -5.77
N SER D 32 -16.91 -21.10 -6.59
CA SER D 32 -18.29 -21.58 -6.49
C SER D 32 -18.39 -23.11 -6.72
N ASN D 33 -17.39 -23.71 -7.43
CA ASN D 33 -17.36 -25.15 -7.67
C ASN D 33 -16.80 -25.97 -6.47
N GLY D 34 -16.39 -25.27 -5.41
CA GLY D 34 -15.90 -25.85 -4.16
C GLY D 34 -14.39 -26.01 -4.09
N ASN D 35 -13.69 -25.80 -5.21
CA ASN D 35 -12.24 -25.92 -5.24
C ASN D 35 -11.57 -24.61 -4.82
N THR D 36 -10.31 -24.70 -4.34
CA THR D 36 -9.55 -23.51 -3.94
C THR D 36 -8.32 -23.42 -4.80
N TYR D 37 -8.31 -22.51 -5.78
CA TYR D 37 -7.25 -22.42 -6.76
C TYR D 37 -6.09 -21.55 -6.33
N LEU D 38 -5.38 -22.06 -5.34
CA LEU D 38 -4.19 -21.41 -4.76
C LEU D 38 -3.01 -22.32 -5.03
N HIS D 39 -1.99 -21.76 -5.72
CA HIS D 39 -0.82 -22.52 -6.12
C HIS D 39 0.46 -21.90 -5.59
N TRP D 40 1.50 -22.73 -5.53
CA TRP D 40 2.83 -22.28 -5.12
C TRP D 40 3.83 -22.63 -6.18
N TYR D 41 4.71 -21.66 -6.47
CA TYR D 41 5.75 -21.81 -7.50
C TYR D 41 7.12 -21.43 -6.96
N LEU D 42 8.16 -22.02 -7.58
CA LEU D 42 9.56 -21.65 -7.30
C LEU D 42 10.16 -21.11 -8.61
N GLN D 43 10.84 -19.95 -8.55
CA GLN D 43 11.52 -19.37 -9.69
C GLN D 43 12.98 -19.07 -9.33
N LYS D 44 13.90 -19.50 -10.17
CA LYS D 44 15.35 -19.22 -10.01
C LYS D 44 15.82 -18.17 -11.01
N PRO D 45 16.94 -17.43 -10.76
CA PRO D 45 17.36 -16.38 -11.72
C PRO D 45 17.60 -16.95 -13.10
N GLY D 46 17.14 -16.22 -14.11
CA GLY D 46 17.25 -16.60 -15.51
C GLY D 46 16.45 -17.84 -15.88
N GLN D 47 15.60 -18.32 -14.96
CA GLN D 47 14.77 -19.49 -15.19
C GLN D 47 13.31 -19.15 -15.03
N SER D 48 12.46 -20.01 -15.56
CA SER D 48 11.05 -19.70 -15.43
C SER D 48 10.46 -20.40 -14.20
N PRO D 49 9.31 -19.92 -13.72
CA PRO D 49 8.67 -20.58 -12.57
C PRO D 49 8.34 -22.03 -12.80
N LYS D 50 8.41 -22.81 -11.73
CA LYS D 50 8.06 -24.23 -11.74
C LYS D 50 6.97 -24.42 -10.68
N LEU D 51 5.92 -25.14 -11.08
CA LEU D 51 4.79 -25.40 -10.19
C LEU D 51 5.18 -26.42 -9.13
N LEU D 52 4.96 -26.06 -7.85
CA LEU D 52 5.25 -26.98 -6.75
C LEU D 52 3.99 -27.63 -6.18
N ILE D 53 3.02 -26.80 -5.84
CA ILE D 53 1.78 -27.25 -5.18
C ILE D 53 0.61 -26.62 -5.89
N TYR D 54 -0.42 -27.41 -6.19
CA TYR D 54 -1.63 -26.86 -6.79
C TYR D 54 -2.80 -27.12 -5.86
N LYS D 55 -3.82 -26.24 -5.94
CA LYS D 55 -5.02 -26.33 -5.13
C LYS D 55 -4.69 -26.58 -3.65
N VAL D 56 -3.87 -25.66 -3.12
CA VAL D 56 -3.49 -25.58 -1.70
C VAL D 56 -2.50 -26.60 -1.24
N SER D 57 -2.77 -27.89 -1.49
CA SER D 57 -2.01 -28.95 -0.84
C SER D 57 -1.66 -30.13 -1.71
N ASN D 58 -1.83 -30.01 -3.04
CA ASN D 58 -1.49 -31.15 -3.90
C ASN D 58 -0.14 -30.97 -4.52
N ARG D 59 0.80 -31.91 -4.29
CA ARG D 59 2.13 -31.76 -4.90
C ARG D 59 2.03 -32.09 -6.39
N PHE D 60 2.69 -31.26 -7.18
CA PHE D 60 2.74 -31.48 -8.62
C PHE D 60 3.71 -32.63 -8.92
N SER D 61 3.60 -33.20 -10.12
CA SER D 61 4.46 -34.30 -10.55
C SER D 61 5.95 -33.98 -10.39
N GLY D 62 6.67 -34.91 -9.77
CA GLY D 62 8.12 -34.81 -9.55
C GLY D 62 8.56 -33.92 -8.39
N VAL D 63 7.60 -33.28 -7.71
CA VAL D 63 7.94 -32.40 -6.57
C VAL D 63 8.18 -33.26 -5.33
N PRO D 64 9.35 -33.06 -4.67
CA PRO D 64 9.69 -33.82 -3.44
C PRO D 64 8.69 -33.66 -2.29
N ASP D 65 8.55 -34.70 -1.42
CA ASP D 65 7.62 -34.66 -0.28
C ASP D 65 8.04 -33.66 0.80
N ARG D 66 9.21 -33.02 0.62
CA ARG D 66 9.67 -31.97 1.51
C ARG D 66 8.83 -30.70 1.37
N PHE D 67 8.11 -30.56 0.24
CA PHE D 67 7.26 -29.39 0.03
C PHE D 67 5.84 -29.74 0.40
N SER D 68 5.21 -28.95 1.26
CA SER D 68 3.83 -29.18 1.63
C SER D 68 3.06 -27.89 1.77
N GLY D 69 1.83 -27.93 1.34
CA GLY D 69 0.96 -26.77 1.42
C GLY D 69 -0.21 -27.01 2.34
N SER D 70 -0.67 -25.95 3.02
CA SER D 70 -1.82 -26.03 3.90
C SER D 70 -2.55 -24.70 3.90
N GLY D 71 -3.69 -24.69 4.58
CA GLY D 71 -4.50 -23.49 4.73
C GLY D 71 -5.85 -23.64 4.07
N SER D 72 -6.65 -22.57 4.14
CA SER D 72 -7.99 -22.53 3.56
C SER D 72 -8.49 -21.10 3.55
N GLY D 73 -9.46 -20.84 2.67
CA GLY D 73 -10.17 -19.58 2.59
C GLY D 73 -9.30 -18.45 2.11
N THR D 74 -8.70 -17.71 3.06
CA THR D 74 -7.83 -16.58 2.77
C THR D 74 -6.42 -16.75 3.31
N ASP D 75 -6.12 -17.83 4.04
CA ASP D 75 -4.82 -17.97 4.71
C ASP D 75 -4.17 -19.28 4.29
N PHE D 76 -2.95 -19.16 3.71
CA PHE D 76 -2.22 -20.31 3.18
C PHE D 76 -0.77 -20.33 3.58
N THR D 77 -0.20 -21.54 3.70
CA THR D 77 1.18 -21.69 4.07
C THR D 77 1.88 -22.75 3.26
N LEU D 78 3.08 -22.44 2.77
CA LEU D 78 3.99 -23.40 2.15
C LEU D 78 5.10 -23.72 3.15
N LYS D 79 5.30 -25.01 3.40
CA LYS D 79 6.39 -25.44 4.29
C LYS D 79 7.40 -26.27 3.47
N ILE D 80 8.70 -25.91 3.64
CA ILE D 80 9.77 -26.66 3.00
C ILE D 80 10.60 -27.29 4.11
N SER D 81 10.59 -28.61 4.20
CA SER D 81 11.36 -29.35 5.20
C SER D 81 12.74 -29.63 4.58
N ARG D 82 13.75 -29.72 5.42
CA ARG D 82 15.12 -30.08 5.06
C ARG D 82 15.61 -29.32 3.83
N VAL D 83 15.62 -27.98 3.94
CA VAL D 83 16.03 -27.11 2.81
C VAL D 83 17.39 -27.54 2.27
N GLU D 84 17.45 -27.63 0.92
CA GLU D 84 18.68 -27.99 0.21
C GLU D 84 19.07 -26.79 -0.63
N ALA D 85 20.32 -26.75 -1.10
CA ALA D 85 20.78 -25.64 -1.93
C ALA D 85 19.92 -25.42 -3.17
N GLU D 86 19.45 -26.51 -3.80
CA GLU D 86 18.62 -26.37 -5.00
C GLU D 86 17.24 -25.73 -4.73
N ASP D 87 16.84 -25.57 -3.45
CA ASP D 87 15.56 -24.94 -3.12
C ASP D 87 15.67 -23.44 -3.07
N LEU D 88 16.90 -22.89 -3.02
CA LEU D 88 17.08 -21.44 -2.89
C LEU D 88 16.57 -20.76 -4.17
N GLY D 89 15.80 -19.71 -3.99
CA GLY D 89 15.22 -18.98 -5.12
C GLY D 89 14.03 -18.19 -4.62
N ILE D 90 13.13 -17.79 -5.54
CA ILE D 90 11.97 -16.99 -5.13
C ILE D 90 10.73 -17.85 -5.21
N TYR D 91 9.99 -17.91 -4.13
CA TYR D 91 8.73 -18.65 -4.08
C TYR D 91 7.59 -17.68 -4.19
N PHE D 92 6.56 -18.03 -4.94
CA PHE D 92 5.40 -17.14 -4.95
C PHE D 92 4.13 -17.94 -4.98
N CYS D 93 3.07 -17.34 -4.45
CA CYS D 93 1.74 -17.91 -4.51
C CYS D 93 0.99 -17.26 -5.68
N SER D 94 -0.01 -18.00 -6.19
CA SER D 94 -0.86 -17.46 -7.26
C SER D 94 -2.26 -17.92 -7.00
N GLN D 95 -3.22 -17.10 -7.42
CA GLN D 95 -4.62 -17.54 -7.35
C GLN D 95 -5.27 -17.46 -8.72
N ASN D 96 -6.10 -18.46 -9.04
CA ASN D 96 -6.89 -18.44 -10.28
C ASN D 96 -8.35 -18.76 -10.01
N THR D 97 -8.81 -18.48 -8.79
CA THR D 97 -10.24 -18.60 -8.52
C THR D 97 -10.96 -17.39 -9.19
N HIS D 98 -10.31 -16.22 -9.17
CA HIS D 98 -10.90 -14.97 -9.63
C HIS D 98 -10.11 -14.40 -10.78
N VAL D 99 -10.80 -13.72 -11.70
CA VAL D 99 -10.18 -13.03 -12.82
C VAL D 99 -10.09 -11.54 -12.44
N PRO D 100 -8.92 -10.90 -12.56
CA PRO D 100 -7.65 -11.46 -13.07
C PRO D 100 -6.97 -12.35 -12.07
N LEU D 101 -6.23 -13.33 -12.62
CA LEU D 101 -5.33 -14.16 -11.83
C LEU D 101 -4.30 -13.20 -11.24
N THR D 102 -3.91 -13.43 -9.96
CA THR D 102 -2.94 -12.56 -9.29
C THR D 102 -1.90 -13.39 -8.55
N PHE D 103 -0.80 -12.71 -8.17
CA PHE D 103 0.36 -13.35 -7.58
C PHE D 103 0.82 -12.59 -6.37
N GLY D 104 1.40 -13.35 -5.45
CA GLY D 104 2.12 -12.73 -4.33
C GLY D 104 3.40 -12.09 -4.84
N ALA D 105 4.00 -11.21 -4.01
CA ALA D 105 5.19 -10.50 -4.42
C ALA D 105 6.46 -11.35 -4.45
N GLY D 106 6.39 -12.52 -3.81
CA GLY D 106 7.53 -13.43 -3.77
C GLY D 106 8.27 -13.38 -2.45
N THR D 107 8.83 -14.51 -2.09
CA THR D 107 9.67 -14.69 -0.91
C THR D 107 10.99 -15.20 -1.40
N LYS D 108 12.09 -14.47 -1.09
CA LYS D 108 13.40 -14.94 -1.53
C LYS D 108 13.96 -15.83 -0.41
N LEU D 109 14.06 -17.14 -0.67
CA LEU D 109 14.65 -18.09 0.27
C LEU D 109 16.17 -18.03 0.00
N GLU D 110 16.92 -17.54 0.98
CA GLU D 110 18.36 -17.32 0.82
C GLU D 110 19.14 -18.05 1.90
N LEU D 111 20.46 -18.16 1.72
CA LEU D 111 21.30 -18.88 2.68
C LEU D 111 21.79 -17.98 3.79
N LYS D 112 21.62 -18.41 5.05
CA LYS D 112 22.10 -17.66 6.19
C LYS D 112 23.60 -17.88 6.35
N ARG D 113 24.31 -16.82 6.73
CA ARG D 113 25.74 -16.84 7.04
C ARG D 113 25.96 -15.78 8.10
N ALA D 114 27.21 -15.70 8.61
CA ALA D 114 27.52 -14.70 9.63
C ALA D 114 27.49 -13.30 9.05
N ASP D 115 27.20 -12.32 9.91
CA ASP D 115 27.20 -10.92 9.51
C ASP D 115 28.56 -10.51 8.97
N ALA D 116 28.56 -9.66 7.94
CA ALA D 116 29.80 -9.13 7.35
C ALA D 116 29.60 -7.69 6.99
N ALA D 117 30.54 -6.84 7.44
CA ALA D 117 30.49 -5.42 7.12
C ALA D 117 30.85 -5.19 5.65
N PRO D 118 30.24 -4.21 4.98
CA PRO D 118 30.64 -3.95 3.59
C PRO D 118 32.02 -3.35 3.48
N THR D 119 32.68 -3.67 2.36
CA THR D 119 33.94 -3.04 1.98
C THR D 119 33.50 -1.91 1.07
N VAL D 120 33.76 -0.66 1.50
CA VAL D 120 33.29 0.52 0.77
C VAL D 120 34.45 1.22 0.05
N SER D 121 34.25 1.48 -1.25
CA SER D 121 35.24 2.16 -2.07
C SER D 121 34.61 3.23 -2.91
N ILE D 122 35.21 4.43 -2.93
CA ILE D 122 34.71 5.55 -3.71
C ILE D 122 35.66 5.89 -4.87
N PHE D 123 35.07 6.29 -6.01
CA PHE D 123 35.83 6.60 -7.21
C PHE D 123 35.44 7.92 -7.81
N PRO D 124 36.39 8.83 -7.92
CA PRO D 124 36.12 10.08 -8.61
C PRO D 124 35.85 9.85 -10.09
N PRO D 125 35.32 10.88 -10.79
CA PRO D 125 35.22 10.81 -12.25
C PRO D 125 36.56 10.52 -12.90
N SER D 126 36.52 9.72 -13.94
CA SER D 126 37.72 9.41 -14.70
C SER D 126 38.11 10.63 -15.53
N SER D 127 39.40 10.75 -15.86
CA SER D 127 39.85 11.84 -16.70
C SER D 127 39.14 11.79 -18.07
N GLU D 128 38.91 10.56 -18.61
CA GLU D 128 38.21 10.40 -19.88
C GLU D 128 36.76 10.93 -19.84
N GLN D 129 36.03 10.68 -18.73
CA GLN D 129 34.65 11.19 -18.63
C GLN D 129 34.63 12.71 -18.54
N LEU D 130 35.56 13.26 -17.75
CA LEU D 130 35.66 14.71 -17.58
C LEU D 130 35.97 15.40 -18.90
N THR D 131 36.86 14.81 -19.72
CA THR D 131 37.22 15.33 -21.06
C THR D 131 35.96 15.35 -21.96
N SER D 132 35.13 14.32 -21.83
CA SER D 132 33.86 14.17 -22.54
C SER D 132 32.78 15.17 -22.04
N GLY D 133 33.02 15.82 -20.91
CA GLY D 133 32.10 16.79 -20.33
C GLY D 133 31.13 16.30 -19.27
N GLY D 134 31.37 15.09 -18.74
CA GLY D 134 30.50 14.50 -17.71
C GLY D 134 31.22 14.22 -16.41
N ALA D 135 30.49 13.90 -15.33
CA ALA D 135 31.12 13.59 -14.05
C ALA D 135 30.30 12.61 -13.21
N SER D 136 30.71 11.35 -13.16
CA SER D 136 30.01 10.40 -12.32
C SER D 136 30.92 10.02 -11.19
N VAL D 137 30.37 9.87 -9.98
CA VAL D 137 31.12 9.44 -8.81
C VAL D 137 30.54 8.06 -8.46
N VAL D 138 31.38 7.02 -8.35
CA VAL D 138 30.89 5.66 -8.10
C VAL D 138 31.30 5.20 -6.70
N CYS D 139 30.41 4.44 -6.04
CA CYS D 139 30.72 3.88 -4.75
C CYS D 139 30.32 2.41 -4.82
N PHE D 140 31.26 1.50 -4.48
CA PHE D 140 30.95 0.10 -4.37
C PHE D 140 30.84 -0.26 -2.89
N LEU D 141 29.83 -1.03 -2.55
CA LEU D 141 29.61 -1.49 -1.17
C LEU D 141 29.57 -3.00 -1.31
N ASN D 142 30.71 -3.63 -1.06
CA ASN D 142 30.85 -5.03 -1.42
C ASN D 142 30.95 -6.03 -0.30
N ASN D 143 30.41 -7.23 -0.59
CA ASN D 143 30.51 -8.41 0.24
C ASN D 143 30.04 -8.23 1.68
N PHE D 144 28.80 -7.77 1.81
CA PHE D 144 28.21 -7.57 3.11
C PHE D 144 27.09 -8.59 3.35
N TYR D 145 26.74 -8.77 4.63
CA TYR D 145 25.66 -9.65 5.03
C TYR D 145 25.17 -9.17 6.41
N PRO D 146 23.85 -9.02 6.65
CA PRO D 146 22.70 -9.31 5.78
C PRO D 146 22.54 -8.31 4.66
N LYS D 147 21.59 -8.56 3.78
CA LYS D 147 21.39 -7.81 2.54
C LYS D 147 20.95 -6.37 2.71
N ASP D 148 20.33 -6.02 3.85
CA ASP D 148 19.83 -4.67 4.09
C ASP D 148 20.96 -3.69 4.28
N ILE D 149 20.94 -2.62 3.51
CA ILE D 149 21.96 -1.58 3.56
C ILE D 149 21.40 -0.27 3.00
N ASN D 150 21.96 0.86 3.46
CA ASN D 150 21.53 2.16 2.98
C ASN D 150 22.75 2.94 2.59
N VAL D 151 22.69 3.64 1.46
CA VAL D 151 23.78 4.51 0.99
C VAL D 151 23.27 5.93 0.98
N LYS D 152 24.09 6.85 1.49
CA LYS D 152 23.81 8.27 1.47
C LYS D 152 24.98 8.98 0.80
N TRP D 153 24.70 9.85 -0.18
CA TRP D 153 25.72 10.69 -0.83
C TRP D 153 25.70 12.06 -0.24
N LYS D 154 26.90 12.64 -0.03
CA LYS D 154 27.03 14.01 0.46
C LYS D 154 28.01 14.78 -0.43
N ILE D 155 27.66 16.03 -0.77
CA ILE D 155 28.52 16.91 -1.56
C ILE D 155 28.76 18.09 -0.64
N ASP D 156 30.05 18.36 -0.28
CA ASP D 156 30.43 19.40 0.67
C ASP D 156 29.65 19.29 1.99
N GLY D 157 29.45 18.04 2.44
CA GLY D 157 28.74 17.75 3.68
C GLY D 157 27.22 17.78 3.60
N SER D 158 26.65 18.16 2.44
CA SER D 158 25.20 18.21 2.27
C SER D 158 24.66 17.00 1.51
N GLU D 159 23.57 16.38 2.04
CA GLU D 159 22.96 15.20 1.42
C GLU D 159 22.47 15.47 -0.01
N ARG D 160 22.73 14.53 -0.92
CA ARG D 160 22.32 14.62 -2.31
C ARG D 160 21.56 13.34 -2.68
N GLN D 161 20.29 13.48 -3.08
CA GLN D 161 19.46 12.33 -3.46
C GLN D 161 19.23 12.21 -4.96
N ASN D 162 19.06 13.33 -5.67
CA ASN D 162 18.84 13.36 -7.13
C ASN D 162 20.09 12.90 -7.90
N GLY D 163 19.87 12.17 -8.98
CA GLY D 163 20.95 11.70 -9.86
C GLY D 163 21.68 10.47 -9.34
N VAL D 164 21.11 9.76 -8.35
CA VAL D 164 21.72 8.56 -7.81
C VAL D 164 21.11 7.33 -8.51
N LEU D 165 21.97 6.43 -9.02
CA LEU D 165 21.55 5.17 -9.66
C LEU D 165 22.15 4.03 -8.80
N ASN D 166 21.30 3.12 -8.32
CA ASN D 166 21.76 2.00 -7.51
C ASN D 166 21.43 0.68 -8.16
N SER D 167 22.35 -0.29 -8.00
CA SER D 167 22.20 -1.64 -8.50
C SER D 167 22.73 -2.63 -7.44
N TRP D 168 22.12 -3.81 -7.34
CA TRP D 168 22.47 -4.79 -6.33
C TRP D 168 22.69 -6.16 -6.99
N THR D 169 23.67 -6.93 -6.48
CA THR D 169 23.91 -8.28 -6.95
C THR D 169 23.02 -9.25 -6.15
N ASP D 170 22.85 -10.47 -6.70
CA ASP D 170 22.17 -11.58 -6.05
C ASP D 170 23.20 -12.15 -5.04
N GLN D 171 22.75 -13.03 -4.14
CA GLN D 171 23.63 -13.62 -3.14
C GLN D 171 24.78 -14.39 -3.79
N ASP D 172 26.04 -14.09 -3.37
CA ASP D 172 27.26 -14.69 -3.92
C ASP D 172 27.33 -16.21 -3.76
N SER D 173 27.72 -16.91 -4.86
CA SER D 173 27.83 -18.38 -4.87
C SER D 173 28.96 -18.93 -4.00
N LYS D 174 30.01 -18.12 -3.75
CA LYS D 174 31.16 -18.58 -2.96
C LYS D 174 31.08 -18.20 -1.48
N ASP D 175 30.77 -16.92 -1.16
CA ASP D 175 30.75 -16.52 0.24
C ASP D 175 29.36 -16.11 0.77
N SER D 176 28.28 -16.23 -0.04
CA SER D 176 26.88 -15.93 0.38
C SER D 176 26.65 -14.48 0.79
N THR D 177 27.51 -13.55 0.35
CA THR D 177 27.30 -12.13 0.67
C THR D 177 26.56 -11.41 -0.48
N TYR D 178 26.30 -10.10 -0.28
CA TYR D 178 25.62 -9.24 -1.23
C TYR D 178 26.51 -8.06 -1.52
N SER D 179 26.35 -7.46 -2.70
CA SER D 179 27.11 -6.27 -3.07
C SER D 179 26.19 -5.24 -3.72
N MET D 180 26.61 -4.00 -3.71
CA MET D 180 25.84 -2.89 -4.23
C MET D 180 26.74 -1.91 -4.90
N SER D 181 26.24 -1.29 -6.00
CA SER D 181 26.92 -0.22 -6.70
C SER D 181 26.01 1.00 -6.64
N SER D 182 26.58 2.16 -6.31
CA SER D 182 25.81 3.39 -6.26
C SER D 182 26.57 4.43 -7.08
N THR D 183 25.92 5.05 -8.08
CA THR D 183 26.57 6.06 -8.91
C THR D 183 25.84 7.38 -8.77
N LEU D 184 26.58 8.44 -8.44
CA LEU D 184 26.03 9.78 -8.33
C LEU D 184 26.42 10.45 -9.66
N THR D 185 25.45 10.83 -10.49
CA THR D 185 25.80 11.54 -11.73
C THR D 185 25.48 13.02 -11.55
N LEU D 186 26.46 13.87 -11.89
CA LEU D 186 26.39 15.32 -11.79
C LEU D 186 26.80 15.84 -13.14
N THR D 187 26.62 17.15 -13.35
CA THR D 187 27.19 17.76 -14.54
C THR D 187 28.66 18.03 -14.20
N LYS D 188 29.52 18.12 -15.20
CA LYS D 188 30.92 18.49 -14.95
C LYS D 188 30.99 19.87 -14.25
N ASP D 189 30.11 20.86 -14.62
CA ASP D 189 30.10 22.16 -13.93
C ASP D 189 29.80 22.01 -12.45
N GLU D 190 28.83 21.14 -12.08
CA GLU D 190 28.53 20.94 -10.66
C GLU D 190 29.74 20.33 -9.98
N TYR D 191 30.34 19.30 -10.62
CA TYR D 191 31.51 18.66 -10.04
C TYR D 191 32.64 19.69 -9.79
N GLU D 192 32.83 20.62 -10.74
CA GLU D 192 33.86 21.63 -10.66
C GLU D 192 33.53 22.82 -9.70
N ARG D 193 32.35 22.78 -9.01
CA ARG D 193 31.86 23.81 -8.04
C ARG D 193 31.94 23.32 -6.58
N HIS D 194 32.21 22.02 -6.37
CA HIS D 194 32.23 21.46 -5.01
C HIS D 194 33.51 20.69 -4.80
N ASN D 195 33.94 20.57 -3.55
CA ASN D 195 35.21 19.92 -3.26
C ASN D 195 35.10 18.54 -2.69
N SER D 196 34.24 18.33 -1.69
CA SER D 196 34.14 17.09 -0.97
C SER D 196 33.01 16.20 -1.46
N TYR D 197 33.33 14.93 -1.75
CA TYR D 197 32.36 13.94 -2.21
C TYR D 197 32.41 12.75 -1.28
N THR D 198 31.26 12.35 -0.75
CA THR D 198 31.21 11.31 0.28
C THR D 198 30.13 10.29 0.00
N CYS D 199 30.49 8.99 0.19
CA CYS D 199 29.61 7.80 0.14
C CYS D 199 29.51 7.32 1.60
N GLU D 200 28.30 7.23 2.19
CA GLU D 200 28.14 6.77 3.57
C GLU D 200 27.27 5.52 3.57
N ALA D 201 27.77 4.43 4.16
CA ALA D 201 27.04 3.16 4.18
C ALA D 201 26.55 2.84 5.57
N THR D 202 25.24 2.61 5.73
CA THR D 202 24.63 2.23 7.01
C THR D 202 24.25 0.76 6.90
N HIS D 203 24.79 -0.06 7.82
CA HIS D 203 24.60 -1.51 7.84
C HIS D 203 24.46 -1.95 9.29
N LYS D 204 23.80 -3.09 9.53
CA LYS D 204 23.57 -3.60 10.89
C LYS D 204 24.87 -3.90 11.68
N THR D 205 26.00 -4.10 10.97
CA THR D 205 27.31 -4.43 11.56
C THR D 205 28.00 -3.28 12.30
N SER D 206 27.52 -2.04 12.11
CA SER D 206 28.12 -0.86 12.74
C SER D 206 27.05 0.13 13.15
N THR D 207 27.19 0.71 14.35
CA THR D 207 26.25 1.71 14.86
C THR D 207 26.46 3.03 14.10
N SER D 208 27.73 3.32 13.74
CA SER D 208 28.13 4.50 12.98
C SER D 208 28.29 4.11 11.50
N PRO D 209 27.94 5.00 10.55
CA PRO D 209 28.12 4.62 9.13
C PRO D 209 29.59 4.52 8.72
N ILE D 210 29.85 3.72 7.66
CA ILE D 210 31.19 3.62 7.06
C ILE D 210 31.22 4.78 6.07
N VAL D 211 32.22 5.66 6.20
CA VAL D 211 32.32 6.87 5.38
C VAL D 211 33.55 6.78 4.49
N LYS D 212 33.35 6.96 3.17
CA LYS D 212 34.45 7.06 2.22
C LYS D 212 34.29 8.36 1.49
N SER D 213 35.36 9.16 1.46
CA SER D 213 35.30 10.47 0.85
C SER D 213 36.56 10.77 0.08
N PHE D 214 36.49 11.81 -0.75
CA PHE D 214 37.68 12.38 -1.39
C PHE D 214 37.42 13.82 -1.65
N ASN D 215 38.50 14.56 -1.82
CA ASN D 215 38.43 15.97 -2.18
C ASN D 215 38.92 16.09 -3.63
N ARG D 216 38.15 16.79 -4.48
CA ARG D 216 38.44 16.95 -5.91
C ARG D 216 39.88 17.46 -6.21
N ASN D 217 40.45 18.24 -5.33
CA ASN D 217 41.79 18.80 -5.58
C ASN D 217 42.97 18.07 -4.92
N GLU D 218 42.71 17.03 -4.10
CA GLU D 218 43.75 16.26 -3.44
C GLU D 218 44.04 14.94 -4.17
#